data_7WRQ
#
_entry.id   7WRQ
#
_cell.length_a   1.00
_cell.length_b   1.00
_cell.length_c   1.00
_cell.angle_alpha   90.00
_cell.angle_beta   90.00
_cell.angle_gamma   90.00
#
_symmetry.space_group_name_H-M   'P 1'
#
loop_
_entity.id
_entity.type
_entity.pdbx_description
1 polymer 'Insulin-like growth factor-binding protein complex acid labile subunit'
2 polymer 'Insulin-like growth factor-binding protein 3'
3 polymer 'Isoform 3 of Insulin-like growth factor I'
4 branched beta-D-mannopyranose-(1-4)-2-acetamido-2-deoxy-beta-D-glucopyranose-(1-4)-2-acetamido-2-deoxy-beta-D-glucopyranose
5 non-polymer 2-acetamido-2-deoxy-beta-D-glucopyranose
#
loop_
_entity_poly.entity_id
_entity_poly.type
_entity_poly.pdbx_seq_one_letter_code
_entity_poly.pdbx_strand_id
1 'polypeptide(L)'
;ADPGTPGEAEGPACPAACVCSYDDDADELSVFCSSRNLTRLPDGVPGGTQALWLDGNNLSSVPPAAFQNLSSLGFLNLQG
GQLGSLEPQALLGLENLCHLHLERNQLRSLALGTFAHTPALASLGLSNNRLSRLEDGLFEGLGSLWDLNLGWNSLAVLPD
AAFRGLGSLRELVLAGNRLAYLQPALFSGLAELRELDLSRNALRAIKANVFVQLPRLQKLYLDRNLIAAVAPGAFLGLKA
LRWLDLSHNRVAGLLEDTFPGLLGLRVLRLSHNAIASLRPRTFKDLHFLEELQLGHNRIRQLAERSFEGLGQLEVLTLDH
NQLQEVKAGAFLGLTNVAVMNLSGNCLRNLPEQVFRGLGKLHSLHLEGSCLGRIRPHTFTGLSGLRRLFLKDNGLVGIEE
QSLWGLAELLELDLTSNQLTHLPHRLFQGLGKLEYLLLSRNRLAELPADALGPLQRAFWLDVSHNRLEALPNSLLAPLGR
LRYLSLRNNSLRTFTPQPPGLERLWLEGNPWDCGCPLKALRDFALQNPSAVPRFVQAICEGDDCQPPAYTYNNITCASPP
EVVGLDLRDLSEAHFAPC
;
A
2 'polypeptide(L)'
;GASSAGLGPVVRCEPCDARALAQCAPPPAVCAELVREPGCGCCLTCALSEGQPCGIYTERCGSGLRCQPSPDEARPLQAL
LDGRGLCVNASAVSRLRAYLLPAPPAPGNASESEEDRSAGSVESPSVSSTHRVSDPKFHPLHSKIIIIKKGHAKDSQRYK
VDYESQSTDTQNFSSESKRETEYGPCRREMEDTLNHLKFLNVLSPRGVHIPNCDKKGFYKKKQCRPSKGRKRGFCWCVDK
YGQPLPGYTTKGKEDVHCYSMQSK
;
B
3 'polypeptide(L)' GPETLCGAELVDALQFVCGDRGFYFNKPTGYGSSSRRAPQTGIVDECCFRSCDLRRLEMYCAPLKPAKSA C
#
# COMPACT_ATOMS: atom_id res chain seq x y z
N ALA A 13 13.89 -23.76 -41.96
CA ALA A 13 13.28 -25.08 -41.67
C ALA A 13 12.33 -24.96 -40.49
N CYS A 14 11.47 -23.93 -40.46
CA CYS A 14 10.44 -23.85 -39.39
C CYS A 14 9.12 -24.36 -39.99
N PRO A 15 8.17 -24.94 -39.21
CA PRO A 15 6.93 -25.52 -39.78
C PRO A 15 5.96 -24.55 -40.46
N ALA A 16 6.37 -23.30 -40.70
CA ALA A 16 5.54 -22.29 -41.41
C ALA A 16 4.14 -22.20 -40.79
N ALA A 17 4.06 -22.17 -39.46
CA ALA A 17 2.76 -22.07 -38.76
C ALA A 17 3.00 -21.30 -37.45
N CYS A 18 4.26 -21.20 -37.03
CA CYS A 18 4.61 -20.51 -35.77
C CYS A 18 5.68 -19.45 -36.04
N VAL A 19 5.75 -18.42 -35.22
CA VAL A 19 6.80 -17.37 -35.39
C VAL A 19 8.16 -17.96 -35.02
N CYS A 20 9.06 -18.06 -36.00
CA CYS A 20 10.40 -18.68 -35.75
C CYS A 20 11.41 -17.60 -35.37
N SER A 21 11.88 -17.59 -34.12
CA SER A 21 12.91 -16.64 -33.74
C SER A 21 14.28 -17.29 -33.89
N TYR A 22 15.32 -16.47 -33.70
CA TYR A 22 16.68 -16.91 -33.95
C TYR A 22 17.64 -16.48 -32.84
N ASP A 23 18.92 -16.68 -33.08
CA ASP A 23 19.95 -16.48 -32.05
C ASP A 23 19.98 -15.03 -31.61
N ASP A 24 20.02 -14.81 -30.29
CA ASP A 24 20.20 -13.47 -29.76
C ASP A 24 21.59 -13.30 -29.13
N ASP A 25 21.90 -14.13 -28.14
CA ASP A 25 23.21 -14.13 -27.48
C ASP A 25 23.76 -15.53 -27.33
N ALA A 26 23.01 -16.55 -27.71
CA ALA A 26 23.42 -17.93 -27.75
C ALA A 26 22.66 -18.59 -28.89
N ASP A 27 22.58 -19.91 -28.89
CA ASP A 27 21.88 -20.63 -29.95
C ASP A 27 20.43 -20.91 -29.61
N GLU A 28 19.76 -19.99 -28.91
CA GLU A 28 18.33 -20.13 -28.66
C GLU A 28 17.55 -20.14 -29.96
N LEU A 29 16.56 -21.01 -30.03
CA LEU A 29 15.62 -21.08 -31.14
C LEU A 29 14.20 -21.01 -30.62
N SER A 30 13.93 -19.99 -29.79
CA SER A 30 12.61 -19.77 -29.24
C SER A 30 11.55 -19.89 -30.32
N VAL A 31 10.67 -20.87 -30.21
CA VAL A 31 9.61 -21.10 -31.18
C VAL A 31 8.31 -20.65 -30.56
N PHE A 32 7.62 -19.72 -31.21
CA PHE A 32 6.42 -19.11 -30.65
C PHE A 32 5.18 -19.69 -31.31
N CYS A 33 4.66 -20.78 -30.74
CA CYS A 33 3.39 -21.39 -31.23
C CYS A 33 2.30 -21.15 -30.19
N SER A 34 2.24 -19.97 -29.60
CA SER A 34 1.30 -19.72 -28.48
C SER A 34 -0.09 -19.28 -28.99
N SER A 35 -0.49 -18.13 -28.95
CA SER A 35 -1.90 -17.68 -29.24
C SER A 35 -2.31 -18.03 -30.67
N ARG A 36 -2.86 -19.09 -31.15
CA ARG A 36 -3.29 -19.67 -32.45
C ARG A 36 -4.26 -20.80 -32.16
N ASN A 37 -5.24 -20.98 -32.91
CA ASN A 37 -6.06 -22.17 -32.69
C ASN A 37 -5.36 -23.40 -33.23
N LEU A 38 -4.93 -24.31 -32.35
CA LEU A 38 -4.22 -25.51 -32.75
C LEU A 38 -5.03 -26.67 -32.22
N THR A 39 -4.92 -27.80 -32.89
CA THR A 39 -5.32 -29.09 -32.34
C THR A 39 -3.94 -29.70 -32.14
N ARG A 40 -3.82 -31.02 -32.15
CA ARG A 40 -2.61 -31.75 -31.80
C ARG A 40 -1.37 -31.20 -32.49
N LEU A 41 -0.21 -31.40 -31.86
CA LEU A 41 1.08 -30.77 -32.08
C LEU A 41 1.45 -30.69 -33.56
N PRO A 42 2.17 -29.64 -33.97
CA PRO A 42 2.74 -29.63 -35.32
C PRO A 42 3.90 -30.59 -35.42
N ASP A 43 4.43 -30.77 -36.64
CA ASP A 43 5.60 -31.66 -36.85
C ASP A 43 6.60 -30.90 -37.74
N GLY A 44 7.77 -31.49 -38.01
CA GLY A 44 8.80 -30.78 -38.79
C GLY A 44 9.31 -29.57 -38.05
N VAL A 45 9.36 -29.65 -36.72
CA VAL A 45 9.84 -28.51 -35.87
C VAL A 45 11.37 -28.60 -35.78
N PRO A 46 12.11 -27.49 -35.53
CA PRO A 46 13.56 -27.55 -35.36
C PRO A 46 14.05 -28.53 -34.28
N GLY A 47 15.24 -29.09 -34.46
CA GLY A 47 15.82 -30.05 -33.49
C GLY A 47 16.72 -29.41 -32.46
N GLY A 48 17.18 -28.18 -32.67
CA GLY A 48 18.14 -27.60 -31.75
C GLY A 48 17.52 -26.54 -30.87
N THR A 49 16.23 -26.69 -30.58
CA THR A 49 15.48 -25.70 -29.84
C THR A 49 16.03 -25.57 -28.43
N GLN A 50 15.77 -24.41 -27.82
CA GLN A 50 16.14 -24.17 -26.44
C GLN A 50 14.99 -23.64 -25.59
N ALA A 51 13.81 -23.42 -26.17
CA ALA A 51 12.63 -22.96 -25.46
C ALA A 51 11.43 -23.11 -26.38
N LEU A 52 10.31 -23.58 -25.85
CA LEU A 52 9.14 -23.84 -26.66
C LEU A 52 7.90 -23.37 -25.92
N TRP A 53 7.08 -22.54 -26.58
CA TRP A 53 5.84 -22.03 -26.00
C TRP A 53 4.67 -22.71 -26.69
N LEU A 54 3.69 -23.15 -25.91
CA LEU A 54 2.54 -23.83 -26.49
C LEU A 54 1.22 -23.51 -25.80
N ASP A 55 1.21 -22.43 -25.01
CA ASP A 55 0.01 -22.11 -24.19
C ASP A 55 -1.13 -21.49 -24.99
N GLY A 56 -2.37 -21.81 -24.63
CA GLY A 56 -3.52 -21.17 -25.24
C GLY A 56 -4.29 -22.02 -26.23
N ASN A 57 -3.65 -23.10 -26.69
CA ASN A 57 -4.26 -23.97 -27.72
C ASN A 57 -5.29 -24.92 -27.11
N ASN A 58 -5.85 -25.80 -27.93
CA ASN A 58 -6.90 -26.71 -27.50
C ASN A 58 -6.45 -28.15 -27.61
N LEU A 59 -5.27 -28.47 -27.07
CA LEU A 59 -4.76 -29.83 -27.13
C LEU A 59 -5.58 -30.76 -26.24
N SER A 60 -5.18 -32.02 -26.22
CA SER A 60 -5.75 -33.03 -25.33
C SER A 60 -4.60 -33.95 -24.91
N SER A 61 -4.94 -35.12 -24.38
CA SER A 61 -3.95 -36.10 -23.96
C SER A 61 -2.83 -36.24 -24.99
N VAL A 62 -1.60 -36.22 -24.52
CA VAL A 62 -0.43 -36.22 -25.41
C VAL A 62 -0.10 -37.65 -25.81
N PRO A 63 0.49 -37.94 -27.02
CA PRO A 63 0.92 -39.31 -27.33
C PRO A 63 2.21 -39.65 -26.55
N PRO A 64 2.46 -40.93 -26.19
CA PRO A 64 3.72 -41.31 -25.52
C PRO A 64 4.95 -40.77 -26.28
N ALA A 65 5.12 -41.18 -27.54
CA ALA A 65 6.23 -40.65 -28.35
C ALA A 65 5.84 -39.28 -28.93
N ALA A 66 6.18 -38.20 -28.23
CA ALA A 66 5.82 -36.84 -28.70
C ALA A 66 7.06 -35.94 -28.66
N PHE A 67 7.86 -36.02 -27.60
CA PHE A 67 9.01 -35.12 -27.46
C PHE A 67 10.32 -35.90 -27.49
N GLN A 68 10.62 -36.57 -28.59
CA GLN A 68 11.94 -37.20 -28.69
C GLN A 68 12.61 -36.24 -29.62
N ASN A 69 13.82 -36.57 -30.06
CA ASN A 69 14.57 -35.72 -31.01
C ASN A 69 14.69 -34.26 -30.59
N LEU A 70 14.66 -33.98 -29.30
CA LEU A 70 14.82 -32.62 -28.82
C LEU A 70 15.69 -32.74 -27.62
N SER A 71 16.89 -33.28 -27.80
CA SER A 71 17.79 -33.51 -26.69
C SER A 71 18.29 -32.23 -26.04
N SER A 72 17.83 -31.07 -26.52
CA SER A 72 18.15 -29.79 -25.90
C SER A 72 16.85 -29.05 -25.63
N LEU A 73 16.56 -28.82 -24.35
CA LEU A 73 15.36 -28.10 -23.94
C LEU A 73 15.68 -27.39 -22.63
N GLY A 74 14.65 -27.04 -21.87
CA GLY A 74 14.82 -26.17 -20.73
C GLY A 74 13.68 -25.21 -20.56
N PHE A 75 12.63 -25.39 -21.37
CA PHE A 75 11.41 -24.56 -21.25
C PHE A 75 10.25 -25.24 -21.99
N LEU A 76 9.22 -25.66 -21.25
CA LEU A 76 8.11 -26.37 -21.87
C LEU A 76 6.77 -25.81 -21.38
N ASN A 77 6.60 -24.49 -21.47
CA ASN A 77 5.35 -23.84 -21.08
C ASN A 77 4.14 -24.49 -21.75
N LEU A 78 3.15 -24.89 -20.94
CA LEU A 78 1.95 -25.54 -21.45
C LEU A 78 0.67 -25.09 -20.74
N GLN A 79 0.60 -23.84 -20.27
CA GLN A 79 -0.55 -23.39 -19.50
C GLN A 79 -1.79 -23.38 -20.37
N GLY A 80 -2.92 -23.03 -19.76
CA GLY A 80 -4.20 -23.01 -20.46
C GLY A 80 -4.53 -24.38 -21.03
N GLY A 81 -5.49 -24.37 -21.95
CA GLY A 81 -5.78 -25.57 -22.71
C GLY A 81 -6.78 -26.49 -22.04
N GLN A 82 -6.88 -27.69 -22.59
CA GLN A 82 -7.84 -28.71 -22.17
C GLN A 82 -7.17 -30.07 -21.98
N LEU A 83 -6.03 -30.09 -21.29
CA LEU A 83 -5.30 -31.37 -21.10
C LEU A 83 -5.80 -32.05 -19.82
N GLY A 84 -5.80 -33.39 -19.79
CA GLY A 84 -6.33 -34.11 -18.62
C GLY A 84 -5.66 -35.46 -18.42
N SER A 85 -4.84 -35.90 -19.38
CA SER A 85 -4.23 -37.26 -19.28
C SER A 85 -2.77 -37.27 -19.73
N LEU A 86 -1.90 -37.95 -18.97
CA LEU A 86 -0.49 -38.09 -19.33
C LEU A 86 -0.21 -39.58 -19.50
N GLU A 87 -0.44 -40.10 -20.70
CA GLU A 87 -0.25 -41.51 -20.95
C GLU A 87 1.22 -41.88 -20.74
N PRO A 88 1.51 -43.13 -20.39
CA PRO A 88 2.87 -43.49 -19.98
C PRO A 88 3.90 -43.23 -21.07
N GLN A 89 5.15 -43.08 -20.63
CA GLN A 89 6.31 -42.79 -21.47
C GLN A 89 6.22 -41.43 -22.15
N ALA A 90 5.34 -40.55 -21.69
CA ALA A 90 5.10 -39.30 -22.40
C ALA A 90 6.36 -38.44 -22.46
N LEU A 91 7.10 -38.33 -21.37
CA LEU A 91 8.26 -37.45 -21.29
C LEU A 91 9.55 -38.16 -21.65
N LEU A 92 9.50 -39.20 -22.48
CA LEU A 92 10.70 -39.97 -22.77
C LEU A 92 11.65 -39.18 -23.65
N GLY A 93 12.91 -39.13 -23.24
CA GLY A 93 13.95 -38.49 -24.02
C GLY A 93 14.42 -37.16 -23.49
N LEU A 94 13.70 -36.56 -22.55
CA LEU A 94 14.06 -35.24 -22.03
C LEU A 94 15.01 -35.43 -20.86
N GLU A 95 16.30 -35.28 -21.11
CA GLU A 95 17.32 -35.40 -20.07
C GLU A 95 17.89 -34.06 -19.63
N ASN A 96 17.59 -33.01 -20.39
CA ASN A 96 18.15 -31.66 -20.09
C ASN A 96 17.02 -30.67 -19.80
N LEU A 97 15.85 -31.17 -19.39
CA LEU A 97 14.76 -30.27 -19.04
C LEU A 97 15.02 -29.65 -17.67
N CYS A 98 14.60 -28.40 -17.53
CA CYS A 98 14.89 -27.63 -16.32
C CYS A 98 13.69 -26.86 -15.79
N HIS A 99 12.60 -26.74 -16.55
CA HIS A 99 11.39 -26.08 -16.09
C HIS A 99 10.20 -26.79 -16.74
N LEU A 100 9.04 -26.67 -16.10
CA LEU A 100 7.84 -27.30 -16.61
C LEU A 100 6.64 -26.57 -16.01
N HIS A 101 5.59 -26.38 -16.80
CA HIS A 101 4.41 -25.66 -16.35
C HIS A 101 3.16 -26.32 -16.89
N LEU A 102 2.24 -26.67 -16.00
CA LEU A 102 0.99 -27.32 -16.37
C LEU A 102 -0.18 -26.68 -15.63
N GLU A 103 -0.16 -25.35 -15.54
CA GLU A 103 -0.93 -24.63 -14.53
C GLU A 103 -2.43 -24.89 -14.55
N ARG A 104 -3.13 -24.47 -15.61
CA ARG A 104 -4.58 -24.38 -15.54
C ARG A 104 -5.29 -25.43 -16.37
N ASN A 105 -4.59 -26.51 -16.64
CA ASN A 105 -5.31 -27.60 -17.33
C ASN A 105 -6.25 -28.26 -16.32
N GLN A 106 -7.11 -29.16 -16.80
CA GLN A 106 -8.00 -29.94 -15.94
C GLN A 106 -7.53 -31.38 -15.79
N LEU A 107 -6.35 -31.56 -15.19
CA LEU A 107 -5.82 -32.89 -14.93
C LEU A 107 -6.65 -33.59 -13.86
N ARG A 108 -6.41 -34.88 -13.66
CA ARG A 108 -7.13 -35.62 -12.64
C ARG A 108 -6.30 -36.58 -11.80
N SER A 109 -5.16 -37.06 -12.28
CA SER A 109 -4.38 -38.05 -11.54
C SER A 109 -3.05 -38.24 -12.22
N LEU A 110 -2.07 -38.71 -11.44
CA LEU A 110 -0.72 -38.99 -11.92
C LEU A 110 -0.30 -40.35 -11.41
N ALA A 111 0.06 -41.26 -12.32
CA ALA A 111 0.51 -42.58 -11.95
C ALA A 111 1.99 -42.55 -11.61
N LEU A 112 2.50 -43.67 -11.08
CA LEU A 112 3.90 -43.73 -10.68
C LEU A 112 4.80 -43.85 -11.90
N GLY A 113 5.94 -43.18 -11.85
CA GLY A 113 6.95 -43.29 -12.88
C GLY A 113 7.02 -42.14 -13.85
N THR A 114 6.05 -41.23 -13.83
CA THR A 114 6.02 -40.18 -14.83
C THR A 114 7.19 -39.22 -14.70
N PHE A 115 7.93 -39.26 -13.59
CA PHE A 115 9.09 -38.40 -13.40
C PHE A 115 10.40 -39.20 -13.33
N ALA A 116 10.40 -40.41 -13.89
CA ALA A 116 11.58 -41.24 -13.87
C ALA A 116 12.55 -40.93 -15.00
N HIS A 117 12.09 -40.24 -16.04
CA HIS A 117 12.90 -39.94 -17.20
C HIS A 117 13.54 -38.57 -17.15
N THR A 118 13.25 -37.78 -16.14
CA THR A 118 13.65 -36.37 -16.11
C THR A 118 14.23 -35.96 -14.76
N PRO A 119 15.42 -36.44 -14.43
CA PRO A 119 16.14 -35.85 -13.30
C PRO A 119 16.63 -34.45 -13.66
N ALA A 120 17.35 -33.80 -12.76
CA ALA A 120 17.86 -32.45 -12.97
C ALA A 120 16.75 -31.42 -13.16
N LEU A 121 15.52 -31.74 -12.76
CA LEU A 121 14.46 -30.76 -12.77
C LEU A 121 14.70 -29.73 -11.68
N ALA A 122 14.18 -28.52 -11.89
CA ALA A 122 14.42 -27.43 -10.95
C ALA A 122 13.19 -26.62 -10.59
N SER A 123 12.01 -26.94 -11.10
CA SER A 123 10.77 -26.28 -10.71
C SER A 123 9.61 -27.02 -11.35
N LEU A 124 8.45 -26.93 -10.71
CA LEU A 124 7.28 -27.69 -11.12
C LEU A 124 6.05 -26.90 -10.73
N GLY A 125 5.01 -26.97 -11.56
CA GLY A 125 3.80 -26.25 -11.26
C GLY A 125 2.55 -27.02 -11.64
N LEU A 126 1.67 -27.24 -10.68
CA LEU A 126 0.44 -28.00 -10.90
C LEU A 126 -0.73 -27.31 -10.21
N SER A 127 -0.83 -25.99 -10.40
CA SER A 127 -1.63 -25.21 -9.46
C SER A 127 -3.14 -25.42 -9.57
N ASN A 128 -3.78 -24.97 -10.64
CA ASN A 128 -5.23 -24.93 -10.67
C ASN A 128 -5.84 -26.15 -11.35
N ASN A 129 -5.19 -27.30 -11.17
CA ASN A 129 -5.74 -28.55 -11.73
C ASN A 129 -6.86 -29.06 -10.83
N ARG A 130 -7.29 -30.30 -11.07
CA ARG A 130 -8.36 -30.91 -10.28
C ARG A 130 -7.95 -32.34 -9.92
N LEU A 131 -7.28 -32.51 -8.79
CA LEU A 131 -6.72 -33.83 -8.50
C LEU A 131 -6.63 -34.05 -7.00
N SER A 132 -6.82 -35.31 -6.60
CA SER A 132 -6.78 -35.73 -5.21
C SER A 132 -6.01 -37.03 -5.09
N ARG A 133 -5.83 -37.50 -3.86
CA ARG A 133 -5.23 -38.84 -3.60
C ARG A 133 -3.83 -39.01 -4.19
N LEU A 134 -2.87 -38.20 -3.75
CA LEU A 134 -1.49 -38.45 -4.13
C LEU A 134 -1.08 -39.87 -3.75
N GLU A 135 -0.15 -40.44 -4.51
CA GLU A 135 0.37 -41.77 -4.22
C GLU A 135 1.48 -41.66 -3.18
N ASP A 136 2.20 -42.76 -2.96
CA ASP A 136 3.24 -42.81 -1.94
C ASP A 136 4.58 -43.08 -2.62
N GLY A 137 5.25 -42.02 -3.03
CA GLY A 137 6.56 -42.16 -3.64
C GLY A 137 6.68 -41.60 -5.04
N LEU A 138 5.79 -40.66 -5.38
CA LEU A 138 5.88 -40.00 -6.68
C LEU A 138 7.21 -39.27 -6.84
N PHE A 139 7.43 -38.24 -6.03
CA PHE A 139 8.61 -37.39 -6.16
C PHE A 139 9.81 -38.14 -5.58
N GLU A 140 10.27 -39.12 -6.34
CA GLU A 140 11.49 -39.84 -6.01
C GLU A 140 12.45 -39.73 -7.19
N GLY A 141 13.75 -39.74 -6.88
CA GLY A 141 14.71 -39.44 -7.91
C GLY A 141 14.61 -38.00 -8.37
N LEU A 142 14.34 -37.09 -7.44
CA LEU A 142 14.23 -35.66 -7.71
C LEU A 142 15.06 -34.88 -6.71
N GLY A 143 16.30 -35.31 -6.53
CA GLY A 143 17.18 -34.68 -5.54
C GLY A 143 17.75 -33.34 -5.94
N SER A 144 17.08 -32.64 -6.86
CA SER A 144 17.52 -31.30 -7.23
C SER A 144 16.36 -30.32 -7.36
N LEU A 145 15.14 -30.72 -7.02
CA LEU A 145 14.01 -29.83 -7.10
C LEU A 145 14.14 -28.70 -6.07
N TRP A 146 13.61 -27.54 -6.41
CA TRP A 146 13.64 -26.38 -5.53
C TRP A 146 12.28 -25.77 -5.24
N ASP A 147 11.32 -25.87 -6.15
CA ASP A 147 9.99 -25.34 -5.93
C ASP A 147 8.95 -26.42 -6.12
N LEU A 148 7.76 -26.19 -5.57
CA LEU A 148 6.65 -27.13 -5.70
C LEU A 148 5.38 -26.37 -5.35
N ASN A 149 4.44 -26.34 -6.26
CA ASN A 149 3.20 -25.59 -6.10
C ASN A 149 2.04 -26.55 -6.25
N LEU A 150 1.19 -26.63 -5.23
CA LEU A 150 0.05 -27.54 -5.27
C LEU A 150 -1.24 -26.87 -4.80
N GLY A 151 -1.28 -25.55 -4.72
CA GLY A 151 -2.44 -24.89 -4.18
C GLY A 151 -3.66 -24.99 -5.07
N TRP A 152 -4.83 -24.80 -4.48
CA TRP A 152 -6.10 -24.80 -5.19
C TRP A 152 -6.32 -26.12 -5.93
N ASN A 153 -6.42 -27.19 -5.13
CA ASN A 153 -6.76 -28.53 -5.60
C ASN A 153 -7.80 -29.08 -4.63
N SER A 154 -8.05 -30.39 -4.70
CA SER A 154 -9.05 -31.02 -3.85
C SER A 154 -8.44 -32.01 -2.85
N LEU A 155 -7.23 -31.74 -2.38
CA LEU A 155 -6.58 -32.65 -1.46
C LEU A 155 -7.24 -32.57 -0.08
N ALA A 156 -7.36 -33.72 0.58
CA ALA A 156 -8.00 -33.79 1.88
C ALA A 156 -7.27 -34.64 2.89
N VAL A 157 -6.30 -35.46 2.47
CA VAL A 157 -5.53 -36.29 3.39
C VAL A 157 -4.29 -36.75 2.66
N LEU A 158 -3.17 -36.81 3.37
CA LEU A 158 -1.90 -37.19 2.80
C LEU A 158 -1.36 -38.41 3.53
N PRO A 159 -0.89 -39.43 2.83
CA PRO A 159 -0.27 -40.57 3.50
C PRO A 159 1.08 -40.18 4.07
N ASP A 160 1.60 -41.03 4.94
CA ASP A 160 2.95 -40.81 5.45
C ASP A 160 3.97 -40.96 4.33
N ALA A 161 5.09 -40.25 4.47
CA ALA A 161 6.19 -40.33 3.52
C ALA A 161 5.74 -39.96 2.09
N ALA A 162 4.86 -38.96 1.99
CA ALA A 162 4.47 -38.46 0.68
C ALA A 162 5.59 -37.63 0.06
N PHE A 163 6.28 -36.83 0.88
CA PHE A 163 7.45 -36.08 0.43
C PHE A 163 8.69 -36.84 0.86
N ARG A 164 8.99 -37.91 0.13
CA ARG A 164 10.16 -38.75 0.42
C ARG A 164 11.15 -38.62 -0.72
N GLY A 165 12.38 -38.25 -0.40
CA GLY A 165 13.42 -38.05 -1.37
C GLY A 165 13.70 -36.62 -1.74
N LEU A 166 12.90 -35.67 -1.23
CA LEU A 166 13.07 -34.26 -1.54
C LEU A 166 14.04 -33.66 -0.54
N GLY A 167 15.34 -33.87 -0.79
CA GLY A 167 16.35 -33.37 0.10
C GLY A 167 16.55 -31.87 0.02
N SER A 168 16.86 -31.37 -1.16
CA SER A 168 17.18 -29.95 -1.35
C SER A 168 15.98 -29.12 -1.76
N LEU A 169 14.88 -29.20 -1.04
CA LEU A 169 13.71 -28.39 -1.33
C LEU A 169 13.76 -27.10 -0.52
N ARG A 170 13.20 -26.03 -1.07
CA ARG A 170 13.26 -24.73 -0.41
C ARG A 170 11.94 -23.99 -0.32
N GLU A 171 10.90 -24.38 -1.05
CA GLU A 171 9.61 -23.75 -0.91
C GLU A 171 8.52 -24.80 -1.08
N LEU A 172 7.33 -24.48 -0.59
CA LEU A 172 6.23 -25.44 -0.57
C LEU A 172 4.94 -24.70 -0.30
N VAL A 173 3.90 -24.95 -1.10
CA VAL A 173 2.64 -24.23 -1.00
C VAL A 173 1.50 -25.22 -0.96
N LEU A 174 0.72 -25.18 0.11
CA LEU A 174 -0.50 -25.97 0.27
C LEU A 174 -1.60 -25.02 0.70
N ALA A 175 -2.25 -24.36 -0.23
CA ALA A 175 -3.30 -23.40 0.10
C ALA A 175 -4.55 -23.69 -0.71
N GLY A 176 -5.69 -23.24 -0.21
CA GLY A 176 -6.93 -23.50 -0.89
C GLY A 176 -7.41 -24.93 -0.86
N ASN A 177 -6.65 -25.84 -0.27
CA ASN A 177 -7.05 -27.24 -0.16
C ASN A 177 -7.98 -27.40 1.03
N ARG A 178 -8.23 -28.64 1.44
CA ARG A 178 -9.20 -28.93 2.51
C ARG A 178 -8.62 -29.88 3.54
N LEU A 179 -7.35 -29.69 3.91
CA LEU A 179 -6.72 -30.55 4.91
C LEU A 179 -7.40 -30.38 6.26
N ALA A 180 -7.35 -31.45 7.06
CA ALA A 180 -8.01 -31.40 8.36
C ALA A 180 -7.22 -32.10 9.47
N TYR A 181 -6.01 -32.58 9.19
CA TYR A 181 -5.28 -33.36 10.18
C TYR A 181 -3.82 -33.40 9.79
N LEU A 182 -2.93 -33.42 10.78
CA LEU A 182 -1.49 -33.43 10.54
C LEU A 182 -0.85 -34.42 11.50
N GLN A 183 -0.47 -35.59 10.99
CA GLN A 183 0.22 -36.57 11.81
C GLN A 183 1.66 -36.13 12.05
N PRO A 184 2.34 -36.72 13.05
CA PRO A 184 3.66 -36.21 13.42
C PRO A 184 4.83 -36.69 12.56
N ALA A 185 4.57 -37.20 11.37
CA ALA A 185 5.66 -37.72 10.53
C ALA A 185 5.65 -37.18 9.12
N LEU A 186 4.80 -36.17 8.83
CA LEU A 186 4.68 -35.65 7.44
C LEU A 186 5.97 -34.93 7.02
N PHE A 187 6.38 -33.91 7.78
CA PHE A 187 7.58 -33.14 7.48
C PHE A 187 8.77 -33.81 8.14
N SER A 188 9.28 -34.84 7.48
CA SER A 188 10.43 -35.60 7.96
C SER A 188 11.47 -35.67 6.85
N GLY A 189 12.69 -35.22 7.14
CA GLY A 189 13.73 -35.23 6.14
C GLY A 189 13.72 -34.03 5.21
N LEU A 190 13.12 -32.92 5.63
CA LEU A 190 13.05 -31.68 4.86
C LEU A 190 14.01 -30.63 5.40
N ALA A 191 15.22 -31.03 5.75
CA ALA A 191 16.11 -30.21 6.58
C ALA A 191 16.51 -28.86 5.99
N GLU A 192 16.16 -28.58 4.74
CA GLU A 192 16.43 -27.25 4.18
C GLU A 192 15.20 -26.46 3.73
N LEU A 193 14.03 -26.75 4.27
CA LEU A 193 12.86 -25.96 3.93
C LEU A 193 13.01 -24.54 4.45
N ARG A 194 12.41 -23.59 3.76
CA ARG A 194 12.62 -22.18 4.06
C ARG A 194 11.31 -21.40 4.18
N GLU A 195 10.25 -21.85 3.52
CA GLU A 195 8.97 -21.16 3.59
C GLU A 195 7.85 -22.17 3.48
N LEU A 196 6.91 -22.11 4.42
CA LEU A 196 5.76 -23.00 4.45
C LEU A 196 4.49 -22.18 4.44
N ASP A 197 3.46 -22.70 3.78
CA ASP A 197 2.21 -21.98 3.61
C ASP A 197 1.06 -22.96 3.76
N LEU A 198 0.26 -22.77 4.80
CA LEU A 198 -0.84 -23.68 5.11
C LEU A 198 -2.13 -22.91 5.35
N SER A 199 -2.38 -21.89 4.54
CA SER A 199 -3.51 -21.01 4.76
C SER A 199 -4.79 -21.56 4.14
N ARG A 200 -5.92 -21.01 4.57
CA ARG A 200 -7.23 -21.25 3.96
C ARG A 200 -7.64 -22.71 3.95
N ASN A 201 -7.11 -23.51 4.86
CA ASN A 201 -7.52 -24.89 5.02
C ASN A 201 -8.48 -24.98 6.22
N ALA A 202 -8.80 -26.19 6.64
CA ALA A 202 -9.78 -26.41 7.70
C ALA A 202 -9.17 -27.14 8.90
N LEU A 203 -7.98 -26.73 9.32
CA LEU A 203 -7.29 -27.38 10.41
C LEU A 203 -7.88 -26.98 11.76
N ARG A 204 -7.65 -27.82 12.77
CA ARG A 204 -7.98 -27.49 14.15
C ARG A 204 -6.92 -28.10 15.06
N ALA A 205 -6.70 -27.45 16.20
CA ALA A 205 -5.99 -28.04 17.33
C ALA A 205 -4.58 -28.50 16.95
N ILE A 206 -3.72 -27.51 16.70
CA ILE A 206 -2.29 -27.79 16.54
C ILE A 206 -1.80 -28.69 17.67
N LYS A 207 -1.19 -29.82 17.30
CA LYS A 207 -0.67 -30.77 18.27
C LYS A 207 0.74 -30.34 18.68
N ALA A 208 1.46 -31.23 19.38
CA ALA A 208 2.65 -30.82 20.11
C ALA A 208 3.95 -31.44 19.62
N ASN A 209 3.96 -32.13 18.48
CA ASN A 209 5.21 -32.74 18.04
C ASN A 209 5.44 -32.65 16.54
N VAL A 210 4.73 -31.76 15.84
CA VAL A 210 4.82 -31.72 14.38
C VAL A 210 6.03 -30.93 13.92
N PHE A 211 6.08 -29.66 14.29
CA PHE A 211 7.17 -28.78 13.86
C PHE A 211 8.30 -28.96 14.87
N VAL A 212 9.15 -29.96 14.64
CA VAL A 212 10.28 -30.18 15.56
C VAL A 212 11.61 -30.34 14.84
N GLN A 213 11.64 -30.63 13.56
CA GLN A 213 12.88 -30.90 12.84
C GLN A 213 12.99 -30.07 11.57
N LEU A 214 12.54 -28.83 11.62
CA LEU A 214 12.69 -27.85 10.55
C LEU A 214 13.56 -26.72 11.08
N PRO A 215 14.86 -26.93 11.19
CA PRO A 215 15.70 -25.96 11.89
C PRO A 215 16.13 -24.78 11.04
N ARG A 216 15.46 -24.53 9.92
CA ARG A 216 15.80 -23.37 9.10
C ARG A 216 14.60 -22.59 8.60
N LEU A 217 13.41 -22.86 9.15
CA LEU A 217 12.19 -22.18 8.65
C LEU A 217 12.31 -20.68 8.90
N GLN A 218 11.66 -19.84 8.08
CA GLN A 218 11.65 -18.39 8.25
C GLN A 218 10.27 -17.76 8.15
N LYS A 219 9.31 -18.38 7.49
CA LYS A 219 7.96 -17.86 7.44
C LYS A 219 6.99 -18.98 7.77
N LEU A 220 5.81 -18.60 8.21
CA LEU A 220 4.80 -19.57 8.61
C LEU A 220 3.46 -18.86 8.58
N TYR A 221 2.52 -19.37 7.77
CA TYR A 221 1.21 -18.78 7.63
C TYR A 221 0.16 -19.77 8.08
N LEU A 222 -0.71 -19.35 8.98
CA LEU A 222 -1.83 -20.17 9.43
C LEU A 222 -3.09 -19.32 9.51
N ASP A 223 -3.31 -18.50 8.47
CA ASP A 223 -4.23 -17.38 8.53
C ASP A 223 -5.67 -17.73 8.85
N ARG A 224 -6.37 -18.45 7.97
CA ARG A 224 -7.81 -18.56 8.04
C ARG A 224 -8.21 -20.02 8.16
N ASN A 225 -8.27 -20.53 9.39
CA ASN A 225 -8.67 -21.88 9.66
C ASN A 225 -9.63 -21.83 10.83
N LEU A 226 -9.92 -22.99 11.42
CA LEU A 226 -10.76 -23.06 12.62
C LEU A 226 -9.94 -23.71 13.73
N ILE A 227 -9.13 -22.89 14.40
CA ILE A 227 -8.20 -23.37 15.42
C ILE A 227 -8.71 -22.91 16.77
N ALA A 228 -8.84 -23.84 17.71
CA ALA A 228 -9.37 -23.52 19.03
C ALA A 228 -8.45 -23.94 20.16
N ALA A 229 -7.28 -24.50 19.88
CA ALA A 229 -6.39 -24.92 20.93
C ALA A 229 -4.97 -24.97 20.40
N VAL A 230 -4.02 -24.70 21.28
CA VAL A 230 -2.59 -24.74 20.95
C VAL A 230 -1.89 -25.39 22.13
N ALA A 231 -1.46 -26.63 21.97
CA ALA A 231 -0.83 -27.36 23.07
C ALA A 231 0.44 -26.64 23.51
N PRO A 232 0.78 -26.71 24.80
CA PRO A 232 1.99 -26.05 25.30
C PRO A 232 3.22 -26.89 25.04
N GLY A 233 4.07 -26.43 24.14
CA GLY A 233 5.25 -27.18 23.76
C GLY A 233 5.52 -27.13 22.27
N ALA A 234 4.48 -26.83 21.49
CA ALA A 234 4.67 -26.59 20.08
C ALA A 234 5.58 -25.38 19.88
N PHE A 235 6.02 -25.18 18.64
CA PHE A 235 7.00 -24.16 18.32
C PHE A 235 8.20 -24.26 19.27
N LEU A 236 8.79 -25.45 19.35
CA LEU A 236 9.87 -25.66 20.30
C LEU A 236 11.26 -25.53 19.68
N GLY A 237 11.52 -26.21 18.57
CA GLY A 237 12.84 -26.18 18.01
C GLY A 237 13.11 -25.08 17.01
N LEU A 238 12.11 -24.27 16.67
CA LEU A 238 12.23 -23.29 15.60
C LEU A 238 13.10 -22.12 16.09
N LYS A 239 14.41 -22.31 16.02
CA LYS A 239 15.32 -21.26 16.44
C LYS A 239 15.17 -20.02 15.57
N ALA A 240 15.52 -20.14 14.29
CA ALA A 240 15.35 -19.04 13.36
C ALA A 240 13.91 -18.99 12.90
N LEU A 241 13.24 -17.85 13.12
CA LEU A 241 11.87 -17.64 12.72
C LEU A 241 11.56 -16.17 12.91
N ARG A 242 10.89 -15.58 11.93
CA ARG A 242 10.70 -14.14 11.94
C ARG A 242 9.29 -13.66 11.58
N TRP A 243 8.34 -14.55 11.33
CA TRP A 243 7.02 -14.09 10.93
C TRP A 243 5.99 -15.17 11.26
N LEU A 244 5.28 -14.99 12.36
CA LEU A 244 4.09 -15.79 12.63
C LEU A 244 2.84 -15.03 12.21
N ASP A 245 1.76 -15.79 11.99
CA ASP A 245 0.50 -15.22 11.56
C ASP A 245 -0.60 -16.16 12.00
N LEU A 246 -1.49 -15.70 12.87
CA LEU A 246 -2.61 -16.49 13.35
C LEU A 246 -3.87 -15.66 13.39
N SER A 247 -4.09 -14.83 12.37
CA SER A 247 -5.09 -13.77 12.48
C SER A 247 -6.52 -14.27 12.67
N HIS A 248 -7.12 -14.86 11.65
CA HIS A 248 -8.56 -15.15 11.70
C HIS A 248 -8.74 -16.59 12.16
N ASN A 249 -8.97 -16.77 13.46
CA ASN A 249 -9.14 -18.10 14.04
C ASN A 249 -10.08 -17.96 15.24
N ARG A 250 -10.08 -18.95 16.12
CA ARG A 250 -10.95 -18.94 17.29
C ARG A 250 -10.18 -19.29 18.54
N VAL A 251 -8.91 -18.87 18.63
CA VAL A 251 -8.12 -19.12 19.82
C VAL A 251 -8.79 -18.47 21.02
N ALA A 252 -9.00 -19.25 22.07
CA ALA A 252 -9.80 -18.80 23.21
C ALA A 252 -8.99 -18.59 24.48
N GLY A 253 -7.70 -18.92 24.49
CA GLY A 253 -6.93 -18.69 25.68
C GLY A 253 -5.47 -19.06 25.54
N LEU A 254 -4.59 -18.18 26.01
CA LEU A 254 -3.15 -18.41 25.99
C LEU A 254 -2.67 -18.84 27.36
N LEU A 255 -1.86 -19.89 27.40
CA LEU A 255 -1.25 -20.34 28.64
C LEU A 255 0.07 -19.59 28.82
N GLU A 256 0.84 -20.00 29.82
CA GLU A 256 2.11 -19.27 30.13
C GLU A 256 3.28 -19.86 29.32
N ASP A 257 3.19 -21.13 28.93
CA ASP A 257 4.30 -21.77 28.24
C ASP A 257 3.96 -22.05 26.78
N THR A 258 3.40 -21.05 26.09
CA THR A 258 2.96 -21.22 24.68
C THR A 258 4.06 -20.76 23.70
N PHE A 259 4.85 -19.76 24.06
CA PHE A 259 5.96 -19.29 23.24
C PHE A 259 7.26 -19.36 24.05
N PRO A 260 7.73 -20.55 24.37
CA PRO A 260 8.95 -20.69 25.19
C PRO A 260 10.27 -20.81 24.45
N GLY A 261 10.76 -19.70 23.90
CA GLY A 261 12.11 -19.71 23.39
C GLY A 261 12.34 -19.13 22.02
N LEU A 262 11.28 -18.62 21.38
CA LEU A 262 11.39 -18.07 20.04
C LEU A 262 12.10 -16.73 20.13
N LEU A 263 13.43 -16.78 20.21
CA LEU A 263 14.21 -15.58 20.41
C LEU A 263 14.08 -14.64 19.21
N GLY A 264 14.47 -15.11 18.03
CA GLY A 264 14.58 -14.24 16.88
C GLY A 264 13.28 -13.72 16.28
N LEU A 265 12.14 -13.99 16.90
CA LEU A 265 10.87 -13.54 16.35
C LEU A 265 10.78 -12.03 16.26
N ARG A 266 10.04 -11.55 15.26
CA ARG A 266 9.89 -10.12 15.06
C ARG A 266 8.50 -9.62 14.72
N VAL A 267 7.54 -10.46 14.34
CA VAL A 267 6.20 -10.00 14.02
C VAL A 267 5.19 -11.03 14.50
N LEU A 268 4.38 -10.68 15.48
CA LEU A 268 3.21 -11.46 15.86
C LEU A 268 1.94 -10.76 15.40
N ARG A 269 0.96 -11.55 14.99
CA ARG A 269 -0.36 -11.06 14.63
C ARG A 269 -1.37 -11.98 15.29
N LEU A 270 -2.27 -11.40 16.09
CA LEU A 270 -3.28 -12.19 16.79
C LEU A 270 -4.64 -11.51 16.75
N SER A 271 -4.94 -10.77 15.69
CA SER A 271 -6.19 -10.05 15.58
C SER A 271 -7.37 -11.01 15.48
N HIS A 272 -8.57 -10.46 15.59
CA HIS A 272 -9.81 -11.11 15.19
C HIS A 272 -9.99 -12.50 15.81
N ASN A 273 -9.30 -12.80 16.89
CA ASN A 273 -9.49 -14.05 17.64
C ASN A 273 -10.54 -13.80 18.72
N ALA A 274 -10.63 -14.69 19.71
CA ALA A 274 -11.57 -14.53 20.82
C ALA A 274 -10.87 -14.70 22.16
N ILE A 275 -9.74 -14.03 22.33
CA ILE A 275 -9.02 -14.05 23.60
C ILE A 275 -9.75 -13.18 24.61
N ALA A 276 -9.91 -13.70 25.83
CA ALA A 276 -10.76 -13.04 26.82
C ALA A 276 -10.07 -12.57 28.07
N SER A 277 -8.78 -12.83 28.26
CA SER A 277 -8.02 -12.29 29.38
C SER A 277 -6.56 -12.65 29.22
N LEU A 278 -5.70 -11.84 29.85
CA LEU A 278 -4.26 -12.06 29.85
C LEU A 278 -3.81 -12.57 31.22
N ARG A 279 -2.64 -13.18 31.24
CA ARG A 279 -2.08 -13.78 32.43
C ARG A 279 -0.89 -12.96 32.93
N PRO A 280 -0.45 -13.21 34.16
CA PRO A 280 0.67 -12.43 34.72
C PRO A 280 1.88 -12.31 33.84
N ARG A 281 2.46 -13.43 33.40
CA ARG A 281 3.79 -13.39 32.79
C ARG A 281 3.79 -14.10 31.44
N THR A 282 2.80 -13.82 30.61
CA THR A 282 2.92 -14.16 29.20
C THR A 282 4.00 -13.28 28.56
N PHE A 283 4.32 -13.55 27.30
CA PHE A 283 5.19 -12.67 26.53
C PHE A 283 6.51 -12.43 27.24
N LYS A 284 7.29 -13.49 27.42
CA LYS A 284 8.64 -13.33 27.93
C LYS A 284 9.62 -13.96 26.97
N ASP A 285 10.90 -13.62 27.13
CA ASP A 285 11.96 -14.10 26.26
C ASP A 285 11.77 -13.63 24.83
N LEU A 286 11.06 -12.52 24.64
CA LEU A 286 10.81 -12.00 23.30
C LEU A 286 11.53 -10.67 23.15
N HIS A 287 12.80 -10.63 23.55
CA HIS A 287 13.54 -9.38 23.66
C HIS A 287 13.58 -8.61 22.34
N PHE A 288 13.23 -9.24 21.22
CA PHE A 288 13.38 -8.58 19.93
C PHE A 288 12.14 -8.33 19.10
N LEU A 289 10.94 -8.34 19.68
CA LEU A 289 9.79 -7.96 18.87
C LEU A 289 9.88 -6.49 18.48
N GLU A 290 9.12 -6.15 17.44
CA GLU A 290 8.91 -4.75 17.10
C GLU A 290 7.49 -4.46 16.64
N GLU A 291 6.57 -5.42 16.73
CA GLU A 291 5.17 -5.14 16.43
C GLU A 291 4.27 -6.19 17.05
N LEU A 292 3.27 -5.76 17.82
CA LEU A 292 2.20 -6.61 18.32
C LEU A 292 0.87 -6.14 17.77
N GLN A 293 -0.09 -7.04 17.68
CA GLN A 293 -1.44 -6.70 17.26
C GLN A 293 -2.40 -7.57 18.04
N LEU A 294 -3.23 -6.96 18.89
CA LEU A 294 -4.32 -7.66 19.58
C LEU A 294 -5.59 -6.87 19.27
N GLY A 295 -6.22 -7.18 18.16
CA GLY A 295 -7.24 -6.32 17.61
C GLY A 295 -8.62 -6.59 18.17
N HIS A 296 -9.56 -6.98 17.33
CA HIS A 296 -10.93 -7.10 17.76
C HIS A 296 -11.11 -8.36 18.60
N ASN A 297 -10.49 -8.40 19.79
CA ASN A 297 -10.66 -9.50 20.72
C ASN A 297 -11.66 -9.05 21.79
N ARG A 298 -11.74 -9.77 22.90
CA ARG A 298 -12.68 -9.45 23.97
C ARG A 298 -11.97 -9.26 25.31
N ILE A 299 -10.77 -8.69 25.30
CA ILE A 299 -10.05 -8.46 26.54
C ILE A 299 -10.83 -7.49 27.41
N ARG A 300 -10.87 -7.77 28.71
CA ARG A 300 -11.76 -7.08 29.63
C ARG A 300 -11.07 -6.11 30.56
N GLN A 301 -9.89 -6.45 31.08
CA GLN A 301 -9.16 -5.52 31.92
C GLN A 301 -7.69 -5.93 32.00
N LEU A 302 -6.84 -4.97 32.29
CA LEU A 302 -5.39 -5.17 32.32
C LEU A 302 -4.91 -5.25 33.76
N ALA A 303 -4.28 -6.37 34.10
CA ALA A 303 -3.65 -6.51 35.40
C ALA A 303 -2.30 -5.80 35.41
N GLU A 304 -1.68 -5.74 36.58
CA GLU A 304 -0.39 -5.09 36.71
C GLU A 304 0.70 -5.97 36.14
N ARG A 305 1.57 -5.37 35.32
CA ARG A 305 2.72 -6.06 34.72
C ARG A 305 2.28 -7.22 33.84
N SER A 306 1.37 -6.94 32.90
CA SER A 306 1.00 -7.94 31.91
C SER A 306 1.95 -7.92 30.72
N PHE A 307 2.22 -6.74 30.17
CA PHE A 307 3.30 -6.59 29.20
C PHE A 307 4.59 -6.40 29.98
N GLU A 308 5.42 -7.43 30.00
CA GLU A 308 6.71 -7.36 30.66
C GLU A 308 7.74 -8.10 29.82
N GLY A 309 8.89 -7.46 29.59
CA GLY A 309 9.93 -8.04 28.78
C GLY A 309 9.97 -7.53 27.36
N LEU A 310 8.86 -6.98 26.87
CA LEU A 310 8.80 -6.43 25.50
C LEU A 310 9.49 -5.07 25.44
N GLY A 311 10.75 -5.05 25.87
CA GLY A 311 11.45 -3.79 26.00
C GLY A 311 11.87 -3.16 24.70
N GLN A 312 11.34 -3.62 23.57
CA GLN A 312 11.74 -3.04 22.30
C GLN A 312 10.59 -2.94 21.31
N LEU A 313 9.37 -2.80 21.81
CA LEU A 313 8.22 -2.77 20.93
C LEU A 313 8.18 -1.46 20.15
N GLU A 314 7.25 -1.38 19.19
CA GLU A 314 6.99 -0.12 18.52
C GLU A 314 5.52 0.17 18.23
N VAL A 315 4.61 -0.81 18.31
CA VAL A 315 3.21 -0.61 17.90
C VAL A 315 2.32 -1.55 18.73
N LEU A 316 1.20 -1.06 19.27
CA LEU A 316 0.36 -1.90 20.11
C LEU A 316 -1.04 -2.17 19.57
N THR A 317 -1.88 -1.16 19.34
CA THR A 317 -3.19 -1.33 18.70
C THR A 317 -4.18 -2.28 19.39
N LEU A 318 -4.54 -1.95 20.64
CA LEU A 318 -5.65 -2.62 21.34
C LEU A 318 -7.02 -1.96 21.09
N ASP A 319 -7.51 -2.02 19.85
CA ASP A 319 -8.39 -0.96 19.37
C ASP A 319 -9.89 -1.26 19.36
N HIS A 320 -10.35 -2.49 19.59
CA HIS A 320 -11.80 -2.64 19.71
C HIS A 320 -12.21 -3.66 20.76
N ASN A 321 -11.46 -3.80 21.83
CA ASN A 321 -11.90 -4.66 22.91
C ASN A 321 -12.91 -3.91 23.77
N GLN A 322 -13.48 -4.62 24.73
CA GLN A 322 -14.42 -4.02 25.67
C GLN A 322 -13.72 -3.67 26.98
N LEU A 323 -12.77 -2.75 26.87
CA LEU A 323 -11.87 -2.42 27.97
C LEU A 323 -12.48 -1.31 28.80
N GLN A 324 -12.81 -1.61 30.06
CA GLN A 324 -13.57 -0.67 30.89
C GLN A 324 -12.77 0.00 31.98
N GLU A 325 -11.64 -0.56 32.39
CA GLU A 325 -10.83 0.07 33.43
C GLU A 325 -9.38 -0.35 33.29
N VAL A 326 -8.49 0.58 33.56
CA VAL A 326 -7.04 0.36 33.48
C VAL A 326 -6.42 0.83 34.78
N LYS A 327 -5.67 -0.05 35.43
CA LYS A 327 -5.07 0.28 36.71
C LYS A 327 -3.69 0.91 36.51
N ALA A 328 -3.27 1.66 37.50
CA ALA A 328 -1.99 2.37 37.42
C ALA A 328 -0.84 1.36 37.52
N GLY A 329 0.04 1.36 36.54
CA GLY A 329 1.09 0.39 36.46
C GLY A 329 0.88 -0.73 35.46
N ALA A 330 -0.06 -0.56 34.52
CA ALA A 330 -0.28 -1.59 33.51
C ALA A 330 0.78 -1.50 32.42
N PHE A 331 0.83 -0.38 31.71
CA PHE A 331 1.91 -0.16 30.77
C PHE A 331 3.17 0.15 31.54
N LEU A 332 3.99 -0.85 31.85
CA LEU A 332 5.14 -0.64 32.72
C LEU A 332 6.48 -0.84 32.01
N GLY A 333 6.71 -1.99 31.41
CA GLY A 333 8.00 -2.29 30.83
C GLY A 333 8.20 -1.78 29.42
N LEU A 334 7.22 -1.09 28.84
CA LEU A 334 7.28 -0.63 27.46
C LEU A 334 8.09 0.65 27.41
N THR A 335 9.38 0.52 27.14
CA THR A 335 10.23 1.70 27.12
C THR A 335 10.13 2.45 25.79
N ASN A 336 10.54 1.81 24.70
CA ASN A 336 10.66 2.48 23.41
C ASN A 336 9.40 2.36 22.57
N VAL A 337 8.25 2.70 23.14
CA VAL A 337 6.98 2.61 22.41
C VAL A 337 6.64 3.96 21.76
N ALA A 338 6.24 3.94 20.49
CA ALA A 338 5.96 5.20 19.79
C ALA A 338 4.50 5.41 19.43
N VAL A 339 3.80 4.32 19.09
CA VAL A 339 2.39 4.43 18.71
C VAL A 339 1.46 3.52 19.50
N MET A 340 0.33 4.05 19.95
CA MET A 340 -0.66 3.25 20.66
C MET A 340 -2.04 3.65 20.16
N ASN A 341 -2.85 2.70 19.71
CA ASN A 341 -4.15 3.05 19.13
C ASN A 341 -5.24 3.28 20.18
N LEU A 342 -5.63 2.24 20.91
CA LEU A 342 -6.57 2.32 22.04
C LEU A 342 -7.96 2.87 21.72
N SER A 343 -8.31 3.12 20.46
CA SER A 343 -9.48 3.92 20.14
C SER A 343 -10.68 3.06 19.82
N GLY A 344 -11.69 3.10 20.69
CA GLY A 344 -12.95 2.43 20.41
C GLY A 344 -13.59 1.77 21.62
N ASN A 345 -12.84 1.69 22.73
CA ASN A 345 -13.32 0.98 23.95
C ASN A 345 -13.84 1.98 24.98
N CYS A 346 -14.95 1.68 25.65
CA CYS A 346 -15.54 2.67 26.59
C CYS A 346 -14.84 2.94 27.89
N LEU A 347 -13.83 3.78 27.88
CA LEU A 347 -13.06 4.05 29.06
C LEU A 347 -13.61 5.21 29.77
N ARG A 348 -14.65 5.00 30.55
CA ARG A 348 -15.30 6.08 31.24
C ARG A 348 -14.60 6.71 32.39
N ASN A 349 -14.34 5.96 33.43
CA ASN A 349 -13.77 6.56 34.61
C ASN A 349 -12.32 6.15 34.70
N LEU A 350 -11.48 6.78 33.91
CA LEU A 350 -10.08 6.46 33.90
C LEU A 350 -9.51 7.09 35.11
N PRO A 351 -8.49 6.47 35.69
CA PRO A 351 -7.82 7.13 36.80
C PRO A 351 -6.86 8.19 36.30
N GLU A 352 -6.06 8.73 37.20
CA GLU A 352 -5.07 9.71 36.83
C GLU A 352 -3.67 9.17 36.99
N GLN A 353 -2.67 9.82 36.42
CA GLN A 353 -1.29 9.32 36.43
C GLN A 353 -1.11 7.93 35.83
N VAL A 354 -1.94 7.58 34.84
CA VAL A 354 -1.91 6.19 34.27
C VAL A 354 -0.99 6.11 33.06
N PHE A 355 -0.43 7.23 32.59
CA PHE A 355 0.39 7.15 31.42
C PHE A 355 1.76 7.48 31.77
N ARG A 356 2.15 7.23 32.99
CA ARG A 356 3.48 7.67 33.41
C ARG A 356 4.55 6.75 32.98
N GLY A 357 5.66 7.32 32.56
CA GLY A 357 6.77 6.52 32.12
C GLY A 357 6.94 6.57 30.64
N LEU A 358 5.86 6.49 29.88
CA LEU A 358 5.93 6.50 28.44
C LEU A 358 6.28 7.89 27.97
N GLY A 359 7.56 8.25 27.94
CA GLY A 359 7.97 9.56 27.54
C GLY A 359 8.65 9.53 26.22
N LYS A 360 8.21 8.59 25.37
CA LYS A 360 8.81 8.41 24.02
C LYS A 360 7.71 8.26 22.98
N LEU A 361 6.46 8.62 23.30
CA LEU A 361 5.41 8.42 22.35
C LEU A 361 5.46 9.50 21.31
N HIS A 362 4.66 9.39 20.28
CA HIS A 362 4.62 10.37 19.22
C HIS A 362 3.16 10.53 18.82
N SER A 363 2.36 9.49 18.76
CA SER A 363 0.97 9.65 18.43
C SER A 363 0.05 8.85 19.30
N LEU A 364 -1.04 9.48 19.77
CA LEU A 364 -2.00 8.78 20.66
C LEU A 364 -3.43 9.03 20.18
N HIS A 365 -4.11 8.00 19.68
CA HIS A 365 -5.54 8.14 19.30
C HIS A 365 -6.37 7.95 20.57
N LEU A 366 -7.36 8.62 20.77
CA LEU A 366 -8.22 8.30 21.94
C LEU A 366 -9.68 8.52 21.55
N GLU A 367 -10.01 8.40 20.28
CA GLU A 367 -11.39 8.66 19.79
C GLU A 367 -12.20 7.38 19.98
N GLY A 368 -13.61 7.78 19.96
CA GLY A 368 -14.46 6.58 20.08
C GLY A 368 -14.66 6.14 21.53
N SER A 369 -13.76 6.55 22.43
CA SER A 369 -13.92 6.24 23.87
C SER A 369 -15.01 7.15 24.45
N CYS A 370 -15.60 6.75 25.57
CA CYS A 370 -16.62 7.62 26.22
C CYS A 370 -15.96 8.37 27.39
N LEU A 371 -15.07 9.33 27.10
CA LEU A 371 -14.37 10.01 28.20
C LEU A 371 -15.14 10.89 29.14
N GLY A 372 -15.71 11.99 28.70
CA GLY A 372 -16.55 12.81 29.56
C GLY A 372 -15.97 14.12 30.05
N ARG A 373 -14.80 14.09 30.68
CA ARG A 373 -14.17 15.30 31.18
C ARG A 373 -12.66 15.16 31.08
N ILE A 374 -11.95 16.23 31.43
CA ILE A 374 -10.49 16.22 31.48
C ILE A 374 -10.07 16.87 32.79
N ARG A 375 -9.28 16.15 33.59
CA ARG A 375 -8.90 16.58 34.92
C ARG A 375 -7.43 16.97 34.95
N PRO A 376 -7.00 17.76 35.94
CA PRO A 376 -5.67 18.39 35.87
C PRO A 376 -4.51 17.42 35.70
N HIS A 377 -4.66 16.15 36.04
CA HIS A 377 -3.56 15.19 35.97
C HIS A 377 -3.93 13.98 35.14
N THR A 378 -4.49 14.22 33.95
CA THR A 378 -4.83 13.11 33.08
C THR A 378 -3.64 12.71 32.22
N PHE A 379 -3.13 13.63 31.39
CA PHE A 379 -1.91 13.41 30.63
C PHE A 379 -0.79 14.08 31.39
N THR A 380 0.07 13.30 32.04
CA THR A 380 1.17 13.87 32.81
C THR A 380 2.54 13.52 32.26
N GLY A 381 2.86 12.25 32.10
CA GLY A 381 4.19 11.89 31.70
C GLY A 381 4.50 11.95 30.23
N LEU A 382 3.62 12.53 29.41
CA LEU A 382 3.78 12.52 27.96
C LEU A 382 4.46 13.80 27.48
N SER A 383 5.71 13.99 27.87
CA SER A 383 6.44 15.16 27.39
C SER A 383 7.22 14.85 26.12
N GLY A 384 6.58 14.17 25.18
CA GLY A 384 7.20 13.89 23.90
C GLY A 384 6.20 13.81 22.78
N LEU A 385 4.95 14.14 23.06
CA LEU A 385 3.87 13.91 22.13
C LEU A 385 4.00 14.84 20.93
N ARG A 386 3.32 14.46 19.83
CA ARG A 386 3.24 15.34 18.69
C ARG A 386 1.88 15.41 18.02
N ARG A 387 0.97 14.50 18.38
CA ARG A 387 -0.36 14.44 17.72
C ARG A 387 -1.44 13.89 18.66
N LEU A 388 -2.42 14.72 19.04
CA LEU A 388 -3.54 14.22 19.84
C LEU A 388 -4.78 14.18 18.97
N PHE A 389 -5.71 13.26 19.29
CA PHE A 389 -6.86 13.07 18.42
C PHE A 389 -8.20 13.38 19.11
N LEU A 390 -8.53 12.71 20.22
CA LEU A 390 -9.68 13.10 21.05
C LEU A 390 -10.94 13.53 20.31
N LYS A 391 -11.31 12.86 19.22
CA LYS A 391 -12.26 13.45 18.30
C LYS A 391 -13.68 13.47 18.86
N ASP A 392 -14.25 12.31 19.13
CA ASP A 392 -15.69 12.22 19.31
C ASP A 392 -16.09 11.65 20.66
N ASN A 393 -15.50 12.15 21.74
CA ASN A 393 -15.80 11.59 23.06
C ASN A 393 -17.09 12.16 23.63
N GLY A 394 -17.23 13.48 23.65
CA GLY A 394 -18.43 14.08 24.17
C GLY A 394 -18.17 14.98 25.36
N LEU A 395 -16.96 15.55 25.41
CA LEU A 395 -16.55 16.37 26.54
C LEU A 395 -17.52 17.51 26.77
N VAL A 396 -17.72 17.85 28.04
CA VAL A 396 -18.50 19.02 28.43
C VAL A 396 -17.65 20.08 29.10
N GLY A 397 -16.36 19.83 29.27
CA GLY A 397 -15.48 20.81 29.87
C GLY A 397 -14.06 20.32 30.04
N ILE A 398 -13.11 21.15 29.68
CA ILE A 398 -11.69 20.88 29.88
C ILE A 398 -11.15 21.90 30.87
N GLU A 399 -10.35 21.44 31.82
CA GLU A 399 -9.95 22.31 32.90
C GLU A 399 -8.73 23.14 32.51
N GLU A 400 -8.40 24.12 33.35
CA GLU A 400 -7.50 25.19 32.95
C GLU A 400 -6.05 24.71 32.87
N GLN A 401 -5.64 23.79 33.75
CA GLN A 401 -4.25 23.39 33.84
C GLN A 401 -3.97 22.04 33.18
N SER A 402 -4.69 21.70 32.12
CA SER A 402 -4.63 20.35 31.59
C SER A 402 -3.52 20.15 30.56
N LEU A 403 -3.09 21.21 29.89
CA LEU A 403 -2.17 21.07 28.76
C LEU A 403 -0.93 21.91 28.96
N TRP A 404 -0.50 22.09 30.20
CA TRP A 404 0.68 22.88 30.50
C TRP A 404 1.96 22.08 30.40
N GLY A 405 1.90 20.84 29.94
CA GLY A 405 3.08 20.00 29.94
C GLY A 405 3.60 19.61 28.57
N LEU A 406 2.74 19.64 27.57
CA LEU A 406 3.09 19.19 26.22
C LEU A 406 3.81 20.31 25.51
N ALA A 407 5.14 20.34 25.64
CA ALA A 407 5.94 21.35 24.96
C ALA A 407 5.83 21.20 23.44
N GLU A 408 6.23 20.03 22.92
CA GLU A 408 6.07 19.77 21.50
C GLU A 408 4.66 19.31 21.21
N LEU A 409 4.00 19.98 20.27
CA LEU A 409 2.69 19.58 19.83
C LEU A 409 2.39 20.30 18.53
N LEU A 410 1.88 19.56 17.55
CA LEU A 410 1.65 20.10 16.23
C LEU A 410 0.21 20.00 15.74
N GLU A 411 -0.68 19.36 16.49
CA GLU A 411 -2.06 19.22 16.01
C GLU A 411 -2.98 18.87 17.16
N LEU A 412 -3.96 19.71 17.41
CA LEU A 412 -5.08 19.35 18.27
C LEU A 412 -6.28 18.97 17.43
N ASP A 413 -7.26 18.35 18.07
CA ASP A 413 -8.42 17.85 17.37
C ASP A 413 -9.54 17.69 18.38
N LEU A 414 -10.57 18.53 18.28
CA LEU A 414 -11.69 18.53 19.22
C LEU A 414 -12.99 18.66 18.46
N THR A 415 -13.17 17.85 17.42
CA THR A 415 -14.12 18.18 16.36
C THR A 415 -15.57 18.15 16.82
N SER A 416 -16.06 17.03 17.32
CA SER A 416 -17.50 16.88 17.52
C SER A 416 -17.89 16.73 18.98
N ASN A 417 -17.30 17.52 19.87
CA ASN A 417 -17.67 17.54 21.28
C ASN A 417 -18.72 18.63 21.52
N GLN A 418 -18.96 18.98 22.78
CA GLN A 418 -20.01 19.93 23.13
C GLN A 418 -19.52 20.99 24.11
N LEU A 419 -18.35 21.55 23.87
CA LEU A 419 -17.88 22.64 24.71
C LEU A 419 -18.70 23.89 24.48
N THR A 420 -18.74 24.76 25.48
CA THR A 420 -19.46 26.02 25.38
C THR A 420 -18.60 27.25 25.62
N HIS A 421 -17.42 27.12 26.19
CA HIS A 421 -16.50 28.24 26.34
C HIS A 421 -15.13 27.70 26.73
N LEU A 422 -14.11 28.52 26.52
CA LEU A 422 -12.73 28.15 26.75
C LEU A 422 -12.13 29.02 27.85
N PRO A 423 -11.39 28.46 28.79
CA PRO A 423 -10.72 29.28 29.79
C PRO A 423 -9.71 30.19 29.13
N HIS A 424 -9.43 31.31 29.78
CA HIS A 424 -8.62 32.35 29.16
C HIS A 424 -7.13 32.19 29.44
N ARG A 425 -6.70 31.05 29.97
CA ARG A 425 -5.27 30.76 30.12
C ARG A 425 -5.00 29.32 29.72
N LEU A 426 -5.56 28.90 28.58
CA LEU A 426 -5.47 27.51 28.17
C LEU A 426 -4.23 27.21 27.36
N PHE A 427 -3.91 28.04 26.36
CA PHE A 427 -2.78 27.76 25.48
C PHE A 427 -1.53 28.47 25.96
N GLN A 428 -1.12 28.18 27.20
CA GLN A 428 0.05 28.88 27.72
C GLN A 428 1.34 28.25 27.23
N GLY A 429 1.40 26.93 27.19
CA GLY A 429 2.65 26.26 26.83
C GLY A 429 2.82 25.99 25.35
N LEU A 430 1.71 25.84 24.63
CA LEU A 430 1.73 25.38 23.25
C LEU A 430 2.25 26.51 22.35
N GLY A 431 3.56 26.63 22.27
CA GLY A 431 4.16 27.63 21.42
C GLY A 431 4.59 27.10 20.07
N LYS A 432 4.08 25.92 19.70
CA LYS A 432 4.49 25.30 18.44
C LYS A 432 3.33 24.71 17.66
N LEU A 433 2.10 25.18 17.89
CA LEU A 433 0.98 24.64 17.16
C LEU A 433 1.03 25.02 15.69
N GLU A 434 0.45 24.18 14.86
CA GLU A 434 0.32 24.47 13.44
C GLU A 434 -1.04 24.13 12.88
N TYR A 435 -1.89 23.41 13.59
CA TYR A 435 -3.23 23.09 13.11
C TYR A 435 -4.16 23.12 14.32
N LEU A 436 -5.21 23.93 14.25
CA LEU A 436 -6.19 24.02 15.32
C LEU A 436 -7.56 23.80 14.72
N LEU A 437 -8.26 22.76 15.16
CA LEU A 437 -9.55 22.37 14.62
C LEU A 437 -10.57 22.38 15.75
N LEU A 438 -11.62 23.19 15.60
CA LEU A 438 -12.64 23.36 16.62
C LEU A 438 -14.02 23.38 15.99
N SER A 439 -14.26 22.52 15.03
CA SER A 439 -15.52 22.55 14.32
C SER A 439 -16.67 22.08 15.22
N ARG A 440 -17.89 22.20 14.71
CA ARG A 440 -19.09 21.57 15.23
C ARG A 440 -19.24 21.51 16.75
N ASN A 441 -18.87 22.56 17.46
CA ASN A 441 -19.14 22.68 18.88
C ASN A 441 -20.30 23.64 19.10
N ARG A 442 -20.53 24.04 20.35
CA ARG A 442 -21.58 24.99 20.66
C ARG A 442 -21.02 26.29 21.26
N LEU A 443 -19.84 26.71 20.79
CA LEU A 443 -19.25 27.95 21.26
C LEU A 443 -20.13 29.14 20.93
N ALA A 444 -20.06 30.16 21.78
CA ALA A 444 -20.86 31.37 21.60
C ALA A 444 -20.04 32.62 21.39
N GLU A 445 -18.82 32.67 21.91
CA GLU A 445 -17.92 33.79 21.68
C GLU A 445 -16.52 33.38 22.09
N LEU A 446 -15.55 33.73 21.28
CA LEU A 446 -14.17 33.41 21.52
C LEU A 446 -13.54 34.43 22.47
N PRO A 447 -12.64 34.00 23.35
CA PRO A 447 -12.10 34.91 24.37
C PRO A 447 -11.43 36.13 23.75
N ALA A 448 -11.16 37.11 24.61
CA ALA A 448 -10.71 38.41 24.13
C ALA A 448 -9.23 38.44 23.79
N ASP A 449 -8.40 37.66 24.48
CA ASP A 449 -6.97 37.72 24.25
C ASP A 449 -6.27 36.38 24.21
N ALA A 450 -6.95 35.26 24.38
CA ALA A 450 -6.29 33.97 24.57
C ALA A 450 -5.85 33.38 23.23
N LEU A 451 -5.11 34.19 22.48
CA LEU A 451 -4.50 33.73 21.24
C LEU A 451 -3.08 34.26 21.08
N GLY A 452 -2.51 34.86 22.11
CA GLY A 452 -1.18 35.42 22.05
C GLY A 452 -0.08 34.40 21.82
N PRO A 453 0.02 33.40 22.70
CA PRO A 453 1.15 32.46 22.61
C PRO A 453 1.30 31.75 21.28
N LEU A 454 0.23 31.60 20.51
CA LEU A 454 0.31 30.93 19.22
C LEU A 454 1.00 31.85 18.22
N GLN A 455 2.25 31.56 17.90
CA GLN A 455 3.00 32.40 16.97
C GLN A 455 3.40 31.68 15.69
N ARG A 456 3.23 30.36 15.61
CA ARG A 456 3.58 29.61 14.41
C ARG A 456 2.34 28.96 13.80
N ALA A 457 1.18 29.57 13.98
CA ALA A 457 -0.07 28.94 13.59
C ALA A 457 -0.49 29.34 12.20
N PHE A 458 -1.05 28.38 11.48
CA PHE A 458 -1.90 28.65 10.32
C PHE A 458 -2.97 27.55 10.29
N TRP A 459 -3.90 27.65 9.36
CA TRP A 459 -5.01 26.70 9.26
C TRP A 459 -5.85 26.68 10.55
N LEU A 460 -6.56 27.77 10.77
CA LEU A 460 -7.63 27.80 11.77
C LEU A 460 -8.94 27.36 11.13
N ASP A 461 -9.86 26.89 11.98
CA ASP A 461 -11.13 26.33 11.49
C ASP A 461 -12.15 26.42 12.61
N VAL A 462 -13.17 27.26 12.42
CA VAL A 462 -14.21 27.44 13.44
C VAL A 462 -15.61 27.32 12.85
N SER A 463 -15.76 26.50 11.82
CA SER A 463 -17.04 26.45 11.14
C SER A 463 -18.10 25.73 11.98
N HIS A 464 -19.35 26.03 11.68
CA HIS A 464 -20.53 25.33 12.18
C HIS A 464 -20.82 25.56 13.65
N ASN A 465 -20.20 26.56 14.27
CA ASN A 465 -20.52 26.98 15.63
C ASN A 465 -21.64 28.01 15.57
N ARG A 466 -21.86 28.76 16.65
CA ARG A 466 -22.84 29.84 16.62
C ARG A 466 -22.23 31.14 17.14
N LEU A 467 -21.05 31.50 16.64
CA LEU A 467 -20.41 32.75 17.00
C LEU A 467 -21.28 33.94 16.63
N GLU A 468 -20.91 35.11 17.13
CA GLU A 468 -21.74 36.29 16.88
C GLU A 468 -20.97 37.56 16.58
N ALA A 469 -19.65 37.61 16.81
CA ALA A 469 -18.86 38.79 16.47
C ALA A 469 -17.39 38.44 16.59
N LEU A 470 -16.57 39.11 15.80
CA LEU A 470 -15.12 38.98 15.84
C LEU A 470 -14.48 40.36 15.90
N PRO A 471 -13.91 40.76 17.03
CA PRO A 471 -13.28 42.08 17.11
C PRO A 471 -11.97 42.11 16.34
N ASN A 472 -11.58 43.33 15.95
CA ASN A 472 -10.36 43.50 15.16
C ASN A 472 -9.11 43.13 15.95
N SER A 473 -9.10 43.38 17.25
CA SER A 473 -7.94 43.12 18.08
C SER A 473 -7.73 41.64 18.37
N LEU A 474 -8.48 40.76 17.72
CA LEU A 474 -8.40 39.34 17.97
C LEU A 474 -7.42 38.59 17.07
N LEU A 475 -7.31 38.99 15.80
CA LEU A 475 -6.44 38.31 14.85
C LEU A 475 -5.19 39.11 14.53
N ALA A 476 -4.80 40.05 15.39
CA ALA A 476 -3.60 40.82 15.13
C ALA A 476 -2.32 40.04 15.41
N PRO A 477 -2.15 39.36 16.58
CA PRO A 477 -0.91 38.63 16.84
C PRO A 477 -0.84 37.27 16.15
N LEU A 478 -1.19 37.23 14.87
CA LEU A 478 -1.12 36.02 14.06
C LEU A 478 -0.66 36.44 12.67
N GLY A 479 0.65 36.42 12.45
CA GLY A 479 1.20 36.86 11.19
C GLY A 479 1.62 35.71 10.30
N ARG A 480 0.92 34.59 10.40
CA ARG A 480 1.28 33.43 9.60
C ARG A 480 0.08 32.69 9.04
N LEU A 481 -1.12 33.24 9.13
CA LEU A 481 -2.30 32.54 8.63
C LEU A 481 -2.25 32.38 7.12
N ARG A 482 -2.76 31.25 6.64
CA ARG A 482 -2.95 31.02 5.23
C ARG A 482 -4.28 30.34 4.92
N TYR A 483 -5.14 30.13 5.91
CA TYR A 483 -6.39 29.41 5.70
C TYR A 483 -7.34 29.79 6.82
N LEU A 484 -8.61 30.00 6.48
CA LEU A 484 -9.60 30.41 7.47
C LEU A 484 -10.97 30.03 6.95
N SER A 485 -11.80 29.47 7.82
CA SER A 485 -13.14 29.03 7.45
C SER A 485 -14.14 29.54 8.47
N LEU A 486 -15.28 30.02 7.99
CA LEU A 486 -16.32 30.56 8.87
C LEU A 486 -17.72 30.18 8.41
N ARG A 487 -17.90 29.02 7.80
CA ARG A 487 -19.20 28.69 7.23
C ARG A 487 -20.25 28.55 8.31
N ASN A 488 -21.44 29.10 8.06
CA ASN A 488 -22.63 28.80 8.84
C ASN A 488 -22.44 29.16 10.32
N ASN A 489 -22.29 30.46 10.58
CA ASN A 489 -21.93 30.91 11.92
C ASN A 489 -22.72 32.08 12.48
N SER A 490 -23.65 32.67 11.73
CA SER A 490 -24.46 33.80 12.21
C SER A 490 -23.60 35.01 12.60
N LEU A 491 -22.92 35.58 11.60
CA LEU A 491 -22.16 36.81 11.72
C LEU A 491 -22.83 37.92 10.93
N ARG A 492 -22.33 39.14 11.07
CA ARG A 492 -22.89 40.24 10.31
C ARG A 492 -21.87 41.12 9.58
N THR A 493 -20.67 41.31 10.14
CA THR A 493 -19.64 42.12 9.51
C THR A 493 -18.27 41.52 9.76
N PHE A 494 -17.31 41.85 8.90
CA PHE A 494 -15.98 41.29 8.97
C PHE A 494 -15.05 42.07 8.05
N THR A 495 -13.83 42.33 8.52
CA THR A 495 -12.82 43.02 7.72
C THR A 495 -11.54 42.18 7.72
N PRO A 496 -10.95 41.89 6.56
CA PRO A 496 -9.83 40.94 6.50
C PRO A 496 -8.59 41.47 7.19
N GLN A 497 -8.29 40.90 8.37
CA GLN A 497 -7.12 41.35 9.17
C GLN A 497 -5.81 40.79 8.57
N PRO A 498 -5.60 39.46 8.44
CA PRO A 498 -4.38 38.95 7.79
C PRO A 498 -4.41 39.29 6.29
N PRO A 499 -3.47 40.11 5.77
CA PRO A 499 -3.50 40.52 4.37
C PRO A 499 -3.05 39.42 3.41
N GLY A 500 -2.13 38.56 3.85
CA GLY A 500 -1.59 37.49 2.98
C GLY A 500 -2.38 36.21 3.10
N LEU A 501 -3.72 36.28 3.08
CA LEU A 501 -4.51 35.07 3.12
C LEU A 501 -4.43 34.35 1.77
N GLU A 502 -4.88 33.10 1.76
CA GLU A 502 -5.00 32.37 0.52
C GLU A 502 -6.27 31.56 0.42
N ARG A 503 -7.14 31.58 1.41
CA ARG A 503 -8.44 30.96 1.33
C ARG A 503 -9.41 31.71 2.22
N LEU A 504 -10.67 31.70 1.83
CA LEU A 504 -11.73 32.25 2.67
C LEU A 504 -13.04 31.61 2.27
N TRP A 505 -13.74 31.02 3.22
CA TRP A 505 -15.08 30.50 2.99
C TRP A 505 -16.05 31.28 3.86
N LEU A 506 -17.14 31.75 3.27
CA LEU A 506 -17.99 32.73 3.95
C LEU A 506 -19.47 32.48 3.77
N GLU A 507 -19.83 31.27 3.30
CA GLU A 507 -21.25 30.99 2.93
C GLU A 507 -22.12 30.57 4.11
N GLY A 508 -23.25 31.25 4.33
CA GLY A 508 -24.22 30.84 5.34
C GLY A 508 -24.61 31.91 6.34
N ASN A 509 -23.87 32.99 6.44
CA ASN A 509 -24.18 34.01 7.43
C ASN A 509 -25.10 35.08 6.83
N PRO A 510 -25.81 35.81 7.67
CA PRO A 510 -26.68 36.93 7.19
C PRO A 510 -25.97 38.27 7.09
N TRP A 511 -25.22 38.47 6.01
CA TRP A 511 -24.40 39.67 5.86
C TRP A 511 -25.27 40.90 5.72
N ASP A 512 -24.71 42.05 6.09
CA ASP A 512 -25.37 43.34 6.05
C ASP A 512 -24.63 44.21 5.04
N CYS A 513 -25.20 44.33 3.84
CA CYS A 513 -24.52 45.02 2.73
C CYS A 513 -24.75 46.51 2.86
N GLY A 514 -23.92 47.16 3.69
CA GLY A 514 -23.96 48.59 3.85
C GLY A 514 -22.60 49.24 3.64
N CYS A 515 -22.38 50.39 4.27
CA CYS A 515 -21.09 51.07 4.09
C CYS A 515 -19.94 50.32 4.74
N PRO A 516 -20.00 49.88 6.00
CA PRO A 516 -18.81 49.26 6.62
C PRO A 516 -18.38 47.98 5.93
N LEU A 517 -19.22 47.38 5.10
CA LEU A 517 -18.87 46.16 4.39
C LEU A 517 -18.45 46.50 2.96
N LYS A 518 -17.26 47.08 2.84
CA LYS A 518 -16.71 47.45 1.55
C LYS A 518 -15.30 46.91 1.31
N ALA A 519 -14.47 46.89 2.36
CA ALA A 519 -13.15 46.31 2.23
C ALA A 519 -13.23 44.85 1.79
N LEU A 520 -14.26 44.13 2.25
CA LEU A 520 -14.46 42.77 1.78
C LEU A 520 -14.73 42.74 0.29
N ARG A 521 -15.51 43.68 -0.23
CA ARG A 521 -15.78 43.74 -1.65
C ARG A 521 -14.50 43.98 -2.43
N ASP A 522 -13.69 44.94 -1.98
CA ASP A 522 -12.44 45.22 -2.69
C ASP A 522 -11.52 44.01 -2.67
N PHE A 523 -11.36 43.39 -1.51
CA PHE A 523 -10.45 42.23 -1.41
C PHE A 523 -10.95 41.08 -2.27
N ALA A 524 -12.26 40.90 -2.37
CA ALA A 524 -12.79 39.82 -3.19
C ALA A 524 -12.68 40.12 -4.67
N LEU A 525 -12.70 41.38 -5.05
CA LEU A 525 -12.60 41.72 -6.47
C LEU A 525 -11.16 41.70 -6.96
N GLN A 526 -10.23 42.13 -6.10
CA GLN A 526 -8.79 42.21 -6.49
C GLN A 526 -8.09 40.87 -6.23
N ASN A 527 -8.66 40.04 -5.35
CA ASN A 527 -8.09 38.69 -5.09
C ASN A 527 -9.15 37.63 -5.41
N PRO A 528 -9.41 37.29 -6.69
CA PRO A 528 -10.47 36.35 -7.04
C PRO A 528 -10.06 34.88 -6.85
N SER A 529 -8.75 34.58 -6.81
CA SER A 529 -8.36 33.21 -6.57
C SER A 529 -8.27 32.85 -5.09
N ALA A 530 -8.24 33.84 -4.21
CA ALA A 530 -8.26 33.57 -2.75
C ALA A 530 -9.71 33.41 -2.31
N VAL A 531 -10.63 34.19 -2.88
CA VAL A 531 -12.06 34.09 -2.61
C VAL A 531 -12.75 33.65 -3.90
N PRO A 532 -12.75 32.35 -4.20
CA PRO A 532 -13.32 31.91 -5.48
C PRO A 532 -14.82 32.05 -5.52
N ARG A 533 -15.42 31.48 -6.57
CA ARG A 533 -16.90 31.45 -6.67
C ARG A 533 -17.29 30.00 -6.38
N PHE A 534 -16.56 29.04 -6.97
CA PHE A 534 -16.84 27.62 -6.77
C PHE A 534 -15.62 26.85 -7.24
N VAL A 535 -15.33 25.75 -6.57
CA VAL A 535 -14.29 24.85 -7.03
C VAL A 535 -14.91 23.51 -7.35
N GLN A 536 -14.40 22.86 -8.38
CA GLN A 536 -14.89 21.55 -8.77
C GLN A 536 -14.43 20.51 -7.76
N ALA A 537 -15.36 19.65 -7.35
CA ALA A 537 -15.05 18.64 -6.35
C ALA A 537 -14.01 17.66 -6.89
N ILE A 538 -13.53 16.74 -6.05
CA ILE A 538 -12.56 15.71 -6.54
C ILE A 538 -13.23 14.82 -7.62
N CYS A 539 -12.72 14.05 -8.39
CA CYS A 539 -13.11 13.10 -9.47
C CYS A 539 -11.93 12.14 -9.71
N GLU A 540 -12.20 10.92 -10.17
CA GLU A 540 -11.10 9.92 -10.32
C GLU A 540 -11.01 9.44 -11.77
N GLY A 541 -12.01 10.09 -12.80
CA GLY A 541 -12.02 9.72 -14.23
C GLY A 541 -13.25 8.89 -14.58
N ASP A 542 -13.38 7.71 -13.97
CA ASP A 542 -14.58 6.86 -14.21
C ASP A 542 -15.80 7.59 -13.64
N ASP A 543 -15.65 8.22 -12.47
CA ASP A 543 -16.77 8.98 -11.86
C ASP A 543 -16.56 10.48 -12.10
N CYS A 544 -15.93 10.85 -13.22
CA CYS A 544 -15.78 12.29 -13.54
C CYS A 544 -17.00 12.76 -14.34
N GLN A 545 -17.83 11.83 -14.83
CA GLN A 545 -19.05 12.14 -15.58
C GLN A 545 -19.88 13.28 -14.98
N PRO A 546 -20.13 13.23 -13.65
CA PRO A 546 -20.87 14.29 -12.96
C PRO A 546 -19.87 15.31 -12.40
N PRO A 547 -20.14 16.61 -12.59
CA PRO A 547 -19.24 17.67 -12.14
C PRO A 547 -19.72 18.25 -10.79
N ALA A 548 -19.45 17.55 -9.69
CA ALA A 548 -19.89 18.03 -8.35
C ALA A 548 -19.21 19.37 -8.05
N TYR A 549 -19.96 20.35 -7.54
CA TYR A 549 -19.44 21.68 -7.27
C TYR A 549 -19.76 22.10 -5.85
N THR A 550 -18.75 22.58 -5.13
CA THR A 550 -18.94 23.21 -3.83
C THR A 550 -19.05 24.71 -4.04
N TYR A 551 -20.00 25.35 -3.37
CA TYR A 551 -20.33 26.73 -3.65
C TYR A 551 -19.73 27.68 -2.61
N ASN A 552 -19.74 28.97 -2.95
CA ASN A 552 -19.24 30.03 -2.02
C ASN A 552 -19.93 31.34 -2.43
N ASN A 553 -21.22 31.48 -2.14
CA ASN A 553 -22.00 32.68 -2.58
C ASN A 553 -22.22 33.63 -1.40
N ILE A 554 -22.02 34.94 -1.60
CA ILE A 554 -22.19 35.96 -0.52
C ILE A 554 -23.51 36.70 -0.75
N THR A 555 -24.39 36.76 0.26
CA THR A 555 -25.70 37.34 0.02
C THR A 555 -25.91 38.58 0.88
N CYS A 556 -26.87 39.41 0.48
CA CYS A 556 -27.23 40.63 1.19
C CYS A 556 -28.61 40.48 1.78
N ALA A 557 -28.79 40.86 3.05
CA ALA A 557 -30.09 40.59 3.71
C ALA A 557 -30.55 41.77 4.57
N SER A 558 -29.77 42.15 5.59
CA SER A 558 -30.16 43.28 6.48
C SER A 558 -30.69 44.51 5.73
N PRO A 559 -30.09 45.05 4.64
CA PRO A 559 -30.71 46.14 3.86
C PRO A 559 -31.68 45.60 2.79
N PRO A 560 -32.97 46.00 2.80
CA PRO A 560 -33.96 45.47 1.86
C PRO A 560 -33.82 45.98 0.42
N GLU A 561 -33.04 47.05 0.20
CA GLU A 561 -32.91 47.63 -1.17
C GLU A 561 -31.92 46.81 -2.00
N VAL A 562 -31.12 45.96 -1.35
CA VAL A 562 -30.10 45.14 -2.06
C VAL A 562 -30.35 43.68 -1.67
N VAL A 563 -31.51 43.40 -1.08
CA VAL A 563 -31.81 42.01 -0.59
C VAL A 563 -31.80 41.00 -1.75
N GLY A 564 -31.36 39.77 -1.49
CA GLY A 564 -31.34 38.71 -2.48
C GLY A 564 -30.12 38.76 -3.38
N LEU A 565 -29.71 39.95 -3.79
CA LEU A 565 -28.58 40.09 -4.69
C LEU A 565 -27.29 39.60 -4.03
N ASP A 566 -26.25 39.48 -4.87
CA ASP A 566 -24.91 39.07 -4.38
C ASP A 566 -24.12 40.34 -4.10
N LEU A 567 -22.95 40.22 -3.47
CA LEU A 567 -22.13 41.37 -3.14
C LEU A 567 -21.17 41.73 -4.26
N ARG A 568 -20.62 40.74 -4.95
CA ARG A 568 -19.64 41.00 -5.98
C ARG A 568 -20.19 41.79 -7.16
N ASP A 569 -21.52 41.95 -7.27
CA ASP A 569 -22.09 42.48 -8.49
C ASP A 569 -23.16 43.53 -8.28
N LEU A 570 -23.31 44.11 -7.09
CA LEU A 570 -24.57 44.76 -6.77
C LEU A 570 -24.87 45.99 -7.64
N SER A 571 -24.15 47.08 -7.49
CA SER A 571 -24.47 48.23 -8.32
C SER A 571 -23.29 49.03 -8.82
N GLU A 572 -22.14 49.02 -8.15
CA GLU A 572 -20.98 49.89 -8.41
C GLU A 572 -21.26 51.34 -8.04
N ALA A 573 -22.49 51.68 -7.65
CA ALA A 573 -22.81 53.04 -7.26
C ALA A 573 -23.57 53.14 -5.94
N HIS A 574 -23.83 52.02 -5.26
CA HIS A 574 -24.48 52.11 -3.91
C HIS A 574 -23.48 52.66 -2.90
N PHE A 575 -22.17 52.50 -3.16
CA PHE A 575 -21.14 52.92 -2.18
C PHE A 575 -20.75 54.40 -2.38
N ALA A 576 -21.61 55.22 -2.82
CA ALA A 576 -21.40 56.65 -3.11
C ALA A 576 -21.76 57.52 -1.89
N PRO A 577 -22.61 57.33 -0.97
CA PRO A 577 -22.66 57.99 0.34
C PRO A 577 -21.77 57.25 1.35
N CYS A 578 -20.87 56.40 0.88
CA CYS A 578 -20.00 55.62 1.76
C CYS A 578 -18.53 56.05 1.63
N GLY B 6 6.34 -19.19 -10.37
CA GLY B 6 7.69 -18.71 -10.61
C GLY B 6 7.77 -17.81 -11.82
N LEU B 7 6.60 -17.48 -12.37
CA LEU B 7 6.52 -16.62 -13.55
C LEU B 7 5.67 -15.39 -13.33
N GLY B 8 4.61 -15.50 -12.53
CA GLY B 8 3.82 -14.36 -12.16
C GLY B 8 2.95 -13.86 -13.29
N PRO B 9 2.25 -12.76 -13.07
CA PRO B 9 1.41 -12.17 -14.10
C PRO B 9 2.22 -11.26 -15.02
N VAL B 10 1.54 -10.71 -16.02
CA VAL B 10 2.13 -9.76 -16.95
C VAL B 10 1.25 -8.53 -16.99
N VAL B 11 1.89 -7.36 -17.05
CA VAL B 11 1.18 -6.08 -17.09
C VAL B 11 1.24 -5.57 -18.52
N ARG B 12 0.13 -5.04 -19.01
CA ARG B 12 0.12 -4.48 -20.36
C ARG B 12 -0.98 -3.45 -20.47
N CYS B 13 -0.72 -2.42 -21.27
CA CYS B 13 -1.60 -1.26 -21.32
C CYS B 13 -2.96 -1.63 -21.92
N GLU B 14 -3.96 -0.86 -21.55
CA GLU B 14 -5.33 -1.16 -21.94
C GLU B 14 -5.60 -0.70 -23.36
N PRO B 15 -6.09 -1.58 -24.24
CA PRO B 15 -6.45 -1.16 -25.60
C PRO B 15 -7.57 -0.13 -25.58
N CYS B 16 -7.29 1.05 -26.13
CA CYS B 16 -8.25 2.14 -26.16
C CYS B 16 -9.13 2.04 -27.40
N ASP B 17 -10.26 2.72 -27.34
CA ASP B 17 -11.27 2.65 -28.39
C ASP B 17 -11.85 4.05 -28.57
N ALA B 18 -13.01 4.12 -29.26
CA ALA B 18 -13.67 5.40 -29.49
C ALA B 18 -14.03 6.08 -28.18
N ARG B 19 -14.23 5.32 -27.11
CA ARG B 19 -14.47 5.91 -25.80
C ARG B 19 -13.32 6.82 -25.40
N ALA B 20 -12.08 6.33 -25.51
CA ALA B 20 -10.93 7.13 -25.13
C ALA B 20 -10.87 8.41 -25.96
N LEU B 21 -10.99 8.29 -27.28
CA LEU B 21 -10.96 9.47 -28.13
C LEU B 21 -12.12 10.42 -27.83
N ALA B 22 -13.22 9.91 -27.31
CA ALA B 22 -14.32 10.78 -26.92
C ALA B 22 -13.95 11.56 -25.66
N GLN B 23 -13.51 10.87 -24.61
CA GLN B 23 -13.09 11.58 -23.41
C GLN B 23 -11.88 12.47 -23.69
N CYS B 24 -10.92 11.97 -24.46
CA CYS B 24 -9.69 12.78 -24.71
C CYS B 24 -10.00 13.86 -25.75
N ALA B 25 -9.97 15.13 -25.35
CA ALA B 25 -10.19 16.23 -26.32
C ALA B 25 -9.27 16.00 -27.53
N PRO B 26 -9.81 15.80 -28.76
CA PRO B 26 -8.99 15.50 -29.93
C PRO B 26 -8.94 16.59 -31.03
N PRO B 27 -8.18 17.71 -30.86
CA PRO B 27 -8.04 18.71 -31.91
C PRO B 27 -6.60 18.83 -32.44
N PRO B 28 -6.04 17.83 -33.18
CA PRO B 28 -4.65 17.90 -33.62
C PRO B 28 -4.42 19.13 -34.50
N ALA B 29 -3.54 20.03 -34.07
CA ALA B 29 -3.23 21.22 -34.84
C ALA B 29 -2.51 20.83 -36.14
N VAL B 30 -2.46 21.80 -37.07
CA VAL B 30 -1.85 21.55 -38.37
C VAL B 30 -0.34 21.39 -38.19
N CYS B 31 0.37 20.45 -39.15
CA CYS B 31 1.77 20.11 -38.93
C CYS B 31 2.17 19.07 -39.98
N ALA B 32 3.36 18.50 -39.79
CA ALA B 32 3.80 17.34 -40.55
C ALA B 32 3.94 16.14 -39.61
N GLU B 33 3.92 14.88 -39.96
CA GLU B 33 4.20 13.58 -39.34
C GLU B 33 3.47 13.41 -38.00
N LEU B 34 2.14 13.43 -38.09
CA LEU B 34 1.33 13.21 -36.90
C LEU B 34 1.60 11.83 -36.31
N VAL B 35 1.93 11.81 -35.02
CA VAL B 35 2.31 10.58 -34.32
C VAL B 35 1.47 10.46 -33.06
N ARG B 36 1.73 9.39 -32.32
CA ARG B 36 1.03 9.15 -31.06
C ARG B 36 1.88 9.61 -29.88
N GLU B 37 1.20 10.00 -28.81
CA GLU B 37 1.90 10.53 -27.65
C GLU B 37 2.51 9.41 -26.83
N PRO B 38 3.57 9.69 -26.05
CA PRO B 38 4.36 8.61 -25.45
C PRO B 38 3.63 7.81 -24.38
N GLY B 39 4.31 6.85 -23.78
CA GLY B 39 3.68 6.01 -22.78
C GLY B 39 2.73 5.05 -23.44
N CYS B 40 1.49 5.01 -22.97
CA CYS B 40 0.41 4.33 -23.68
C CYS B 40 -0.86 5.17 -23.51
N GLY B 41 -1.07 6.10 -24.44
CA GLY B 41 -2.26 6.91 -24.48
C GLY B 41 -2.53 7.32 -25.91
N CYS B 42 -3.79 7.25 -26.35
CA CYS B 42 -4.13 7.46 -27.76
C CYS B 42 -4.77 8.83 -27.94
N CYS B 43 -3.93 9.84 -28.08
CA CYS B 43 -4.34 11.19 -28.47
C CYS B 43 -3.25 11.72 -29.39
N LEU B 44 -3.58 11.89 -30.67
CA LEU B 44 -2.57 12.23 -31.67
C LEU B 44 -2.11 13.67 -31.51
N THR B 45 -0.81 13.87 -31.72
CA THR B 45 -0.22 15.23 -31.70
C THR B 45 0.82 15.24 -32.82
N CYS B 46 1.54 16.38 -32.97
CA CYS B 46 2.60 16.60 -34.01
C CYS B 46 3.95 16.25 -33.36
N ALA B 47 4.95 15.80 -34.13
CA ALA B 47 6.23 15.32 -33.54
C ALA B 47 7.20 16.47 -33.28
N LEU B 48 8.30 16.21 -32.54
CA LEU B 48 9.30 17.24 -32.29
C LEU B 48 10.43 17.13 -33.30
N SER B 49 11.18 18.22 -33.40
CA SER B 49 12.29 18.30 -34.34
C SER B 49 13.50 17.59 -33.76
N GLU B 50 14.67 17.79 -34.36
CA GLU B 50 15.91 17.20 -33.89
C GLU B 50 16.73 18.26 -33.18
N GLY B 51 16.74 18.21 -31.85
CA GLY B 51 17.53 19.14 -31.07
C GLY B 51 16.73 19.93 -30.07
N GLN B 52 15.50 19.50 -29.81
CA GLN B 52 14.64 20.15 -28.83
C GLN B 52 14.47 19.28 -27.59
N PRO B 53 14.16 19.88 -26.44
CA PRO B 53 14.05 19.09 -25.21
C PRO B 53 13.02 17.98 -25.31
N CYS B 54 13.36 16.87 -24.66
CA CYS B 54 12.49 15.67 -24.65
C CYS B 54 12.27 15.30 -23.18
N GLY B 55 11.49 14.25 -22.90
CA GLY B 55 11.20 13.87 -21.54
C GLY B 55 10.21 12.72 -21.49
N ILE B 56 9.72 12.46 -20.28
CA ILE B 56 8.75 11.40 -20.07
C ILE B 56 7.32 11.92 -20.25
N TYR B 57 7.08 13.20 -20.04
CA TYR B 57 5.75 13.77 -20.11
C TYR B 57 5.58 14.75 -21.27
N THR B 58 6.56 14.86 -22.16
CA THR B 58 6.44 15.67 -23.35
C THR B 58 5.97 14.80 -24.53
N GLU B 59 6.05 15.33 -25.75
CA GLU B 59 5.77 14.54 -26.92
C GLU B 59 7.00 13.69 -27.28
N ARG B 60 6.83 12.80 -28.25
CA ARG B 60 7.91 11.91 -28.64
C ARG B 60 8.63 12.47 -29.86
N CYS B 61 9.92 12.12 -29.98
CA CYS B 61 10.75 12.66 -31.04
C CYS B 61 10.26 12.20 -32.41
N GLY B 62 10.79 12.83 -33.45
CA GLY B 62 10.43 12.49 -34.81
C GLY B 62 10.88 11.09 -35.19
N SER B 63 10.71 10.79 -36.48
CA SER B 63 11.04 9.47 -36.99
C SER B 63 12.54 9.24 -36.97
N GLY B 64 12.93 8.00 -36.70
CA GLY B 64 14.34 7.64 -36.67
C GLY B 64 15.15 8.42 -35.66
N LEU B 65 14.56 8.75 -34.51
CA LEU B 65 15.24 9.54 -33.50
C LEU B 65 15.08 8.88 -32.14
N ARG B 66 15.93 9.30 -31.20
CA ARG B 66 16.00 8.69 -29.88
C ARG B 66 16.14 9.78 -28.83
N CYS B 67 15.56 9.53 -27.65
CA CYS B 67 15.58 10.48 -26.55
C CYS B 67 16.53 9.95 -25.49
N GLN B 68 17.73 10.52 -25.42
CA GLN B 68 18.75 10.12 -24.47
C GLN B 68 19.17 11.31 -23.61
N PRO B 69 19.56 11.08 -22.37
CA PRO B 69 19.90 12.18 -21.47
C PRO B 69 21.21 12.83 -21.88
N SER B 70 21.61 13.74 -21.00
CA SER B 70 22.81 14.45 -21.25
C SER B 70 24.02 13.52 -21.07
N PRO B 71 25.17 13.77 -21.76
CA PRO B 71 26.21 12.73 -21.62
C PRO B 71 27.01 12.79 -20.36
N ASP B 72 26.52 13.58 -19.38
CA ASP B 72 27.17 13.65 -18.05
C ASP B 72 26.07 13.72 -17.00
N GLU B 73 26.00 14.83 -16.22
CA GLU B 73 24.88 15.05 -15.25
C GLU B 73 24.95 14.09 -14.04
N ALA B 74 25.63 12.94 -14.17
CA ALA B 74 25.72 11.96 -13.09
C ALA B 74 24.37 11.55 -12.46
N ARG B 75 23.27 11.89 -13.10
CA ARG B 75 21.95 11.52 -12.59
C ARG B 75 20.99 11.40 -13.77
N PRO B 76 20.94 10.26 -14.44
CA PRO B 76 20.11 10.15 -15.65
C PRO B 76 18.61 10.22 -15.38
N LEU B 77 18.12 9.39 -14.47
CA LEU B 77 16.68 9.19 -14.33
C LEU B 77 15.98 10.45 -13.86
N GLN B 78 16.58 11.19 -12.92
CA GLN B 78 15.96 12.44 -12.51
C GLN B 78 15.97 13.45 -13.65
N ALA B 79 17.09 13.51 -14.39
CA ALA B 79 17.19 14.42 -15.51
C ALA B 79 16.15 14.13 -16.57
N LEU B 80 15.75 12.88 -16.71
CA LEU B 80 14.71 12.53 -17.68
C LEU B 80 13.31 12.72 -17.11
N LEU B 81 13.17 12.62 -15.80
CA LEU B 81 11.86 12.84 -15.19
C LEU B 81 11.47 14.30 -15.26
N ASP B 82 12.44 15.20 -15.03
CA ASP B 82 12.13 16.66 -15.00
C ASP B 82 12.14 17.25 -16.43
N GLY B 83 12.22 16.40 -17.46
CA GLY B 83 12.19 16.88 -18.83
C GLY B 83 13.41 17.68 -19.26
N ARG B 84 14.56 17.02 -19.35
CA ARG B 84 15.78 17.68 -19.82
C ARG B 84 16.56 16.77 -20.75
N GLY B 85 15.86 16.05 -21.62
CA GLY B 85 16.51 15.21 -22.61
C GLY B 85 16.71 15.92 -23.93
N LEU B 86 17.36 15.23 -24.86
CA LEU B 86 17.63 15.76 -26.18
C LEU B 86 17.26 14.72 -27.24
N CYS B 87 16.51 15.13 -28.25
CA CYS B 87 16.16 14.24 -29.35
C CYS B 87 17.40 14.10 -30.23
N VAL B 88 18.07 12.95 -30.13
CA VAL B 88 19.29 12.70 -30.88
C VAL B 88 19.22 11.31 -31.49
N ASN B 89 19.66 11.19 -32.74
CA ASN B 89 19.62 9.92 -33.46
C ASN B 89 20.37 8.81 -32.74
N GLU B 182 15.31 -6.24 11.15
CA GLU B 182 15.27 -4.77 11.16
C GLU B 182 14.45 -4.25 9.97
N TYR B 183 13.15 -4.56 10.02
CA TYR B 183 12.23 -3.99 9.06
C TYR B 183 11.98 -2.54 9.42
N GLY B 184 11.03 -1.92 8.74
CA GLY B 184 10.57 -0.59 9.09
C GLY B 184 9.08 -0.50 8.87
N PRO B 185 8.50 0.67 9.13
CA PRO B 185 7.06 0.82 8.89
C PRO B 185 6.66 0.71 7.43
N CYS B 186 7.58 0.88 6.48
CA CYS B 186 7.22 0.78 5.07
C CYS B 186 7.55 -0.57 4.44
N ARG B 187 8.65 -1.19 4.82
CA ARG B 187 8.96 -2.51 4.28
C ARG B 187 7.88 -3.51 4.68
N ARG B 188 7.39 -3.43 5.91
CA ARG B 188 6.33 -4.31 6.35
C ARG B 188 5.07 -4.16 5.51
N GLU B 189 4.89 -3.02 4.87
CA GLU B 189 3.73 -2.81 4.01
C GLU B 189 4.01 -3.24 2.58
N MET B 190 5.18 -2.90 2.05
CA MET B 190 5.55 -3.32 0.71
C MET B 190 5.57 -4.85 0.60
N GLU B 191 6.01 -5.52 1.66
CA GLU B 191 6.14 -6.96 1.64
C GLU B 191 4.78 -7.64 1.45
N ASP B 192 3.84 -7.36 2.35
CA ASP B 192 2.53 -7.98 2.18
C ASP B 192 1.69 -7.30 1.12
N THR B 193 2.21 -6.24 0.48
CA THR B 193 1.56 -5.74 -0.72
C THR B 193 1.92 -6.60 -1.93
N LEU B 194 3.22 -6.77 -2.20
CA LEU B 194 3.60 -7.57 -3.35
C LEU B 194 3.57 -9.07 -3.07
N ASN B 195 3.27 -9.49 -1.84
CA ASN B 195 2.98 -10.89 -1.59
C ASN B 195 1.57 -11.27 -2.00
N HIS B 196 0.80 -10.33 -2.52
CA HIS B 196 -0.56 -10.60 -2.98
C HIS B 196 -0.69 -10.57 -4.49
N LEU B 197 0.20 -9.87 -5.18
CA LEU B 197 0.20 -9.82 -6.64
C LEU B 197 1.07 -10.93 -7.22
N LYS B 198 0.85 -12.17 -6.81
CA LYS B 198 1.62 -13.28 -7.36
C LYS B 198 0.78 -14.52 -7.62
N PHE B 199 -0.53 -14.46 -7.31
CA PHE B 199 -1.43 -15.64 -7.48
C PHE B 199 -2.54 -15.30 -8.47
N LEU B 200 -2.33 -14.31 -9.34
CA LEU B 200 -3.37 -13.84 -10.30
C LEU B 200 -2.86 -13.99 -11.74
N ASN B 201 -3.71 -13.85 -12.75
CA ASN B 201 -3.30 -14.13 -14.16
C ASN B 201 -2.81 -12.88 -14.91
N VAL B 202 -3.71 -11.96 -15.26
CA VAL B 202 -3.32 -10.76 -16.07
C VAL B 202 -3.91 -9.52 -15.39
N LEU B 203 -3.24 -8.37 -15.49
CA LEU B 203 -3.86 -7.20 -14.87
C LEU B 203 -3.39 -5.95 -15.61
N SER B 204 -3.84 -4.77 -15.14
CA SER B 204 -3.64 -3.48 -15.80
C SER B 204 -2.74 -2.57 -14.98
N PRO B 205 -1.97 -1.68 -15.64
CA PRO B 205 -0.97 -0.88 -14.90
C PRO B 205 -1.55 0.17 -13.98
N ARG B 206 -2.88 0.25 -13.86
CA ARG B 206 -3.52 1.13 -12.90
C ARG B 206 -4.00 0.37 -11.67
N GLY B 207 -3.55 -0.86 -11.49
CA GLY B 207 -3.95 -1.65 -10.34
C GLY B 207 -2.79 -1.93 -9.40
N VAL B 208 -1.63 -1.39 -9.73
CA VAL B 208 -0.44 -1.54 -8.89
C VAL B 208 -0.37 -0.36 -7.93
N HIS B 209 -0.20 -0.66 -6.64
CA HIS B 209 -0.35 0.33 -5.59
C HIS B 209 0.82 0.26 -4.61
N ILE B 210 2.04 0.24 -5.12
CA ILE B 210 3.19 0.13 -4.23
C ILE B 210 3.49 1.48 -3.61
N PRO B 211 3.87 1.55 -2.34
CA PRO B 211 4.14 2.85 -1.71
C PRO B 211 5.44 3.48 -2.17
N ASN B 212 5.82 4.59 -1.56
CA ASN B 212 7.01 5.35 -1.96
C ASN B 212 7.77 5.69 -0.68
N CYS B 213 8.81 4.93 -0.38
CA CYS B 213 9.54 5.12 0.87
C CYS B 213 11.03 4.90 0.66
N ASP B 214 11.83 5.56 1.48
CA ASP B 214 13.27 5.67 1.25
C ASP B 214 13.96 4.39 1.70
N LYS B 215 15.30 4.45 1.79
CA LYS B 215 16.11 3.26 2.02
C LYS B 215 16.37 2.97 3.48
N LYS B 216 15.46 3.37 4.36
CA LYS B 216 15.51 2.97 5.75
C LYS B 216 14.17 2.48 6.27
N GLY B 217 13.16 2.35 5.41
CA GLY B 217 11.89 1.82 5.81
C GLY B 217 10.85 2.84 6.21
N PHE B 218 11.19 4.12 6.20
CA PHE B 218 10.26 5.16 6.62
C PHE B 218 9.65 5.83 5.39
N TYR B 219 8.35 6.16 5.47
CA TYR B 219 7.69 6.83 4.36
C TYR B 219 8.40 8.14 4.04
N LYS B 220 8.37 8.53 2.77
CA LYS B 220 9.31 9.57 2.38
C LYS B 220 8.87 11.01 2.63
N LYS B 221 7.92 11.52 1.86
CA LYS B 221 7.33 12.81 2.20
C LYS B 221 5.89 12.74 1.67
N LYS B 222 5.78 12.31 0.40
CA LYS B 222 4.58 12.52 -0.40
C LYS B 222 4.38 11.32 -1.31
N GLN B 223 3.12 11.05 -1.61
CA GLN B 223 2.76 9.85 -2.34
C GLN B 223 2.00 10.25 -3.59
N CYS B 224 2.02 9.37 -4.60
CA CYS B 224 1.37 9.67 -5.86
C CYS B 224 0.79 8.37 -6.43
N ARG B 225 0.30 8.43 -7.66
CA ARG B 225 -0.40 7.32 -8.30
C ARG B 225 0.03 7.24 -9.76
N PRO B 226 -0.17 6.08 -10.40
CA PRO B 226 0.31 5.92 -11.78
C PRO B 226 -0.38 6.87 -12.74
N SER B 227 0.38 7.28 -13.76
CA SER B 227 -0.11 8.27 -14.76
C SER B 227 -0.53 7.54 -16.04
N LYS B 228 -0.92 8.28 -17.08
CA LYS B 228 -1.39 7.69 -18.32
C LYS B 228 -0.85 8.43 -19.56
N GLY B 229 0.27 9.13 -19.44
CA GLY B 229 0.82 9.81 -20.59
C GLY B 229 0.32 11.24 -20.69
N ARG B 230 1.20 12.20 -20.42
CA ARG B 230 0.86 13.62 -20.42
C ARG B 230 -0.30 13.95 -19.49
N LYS B 231 -0.59 13.10 -18.52
CA LYS B 231 -1.71 13.33 -17.62
C LYS B 231 -1.41 12.63 -16.30
N ARG B 232 -0.93 13.40 -15.32
CA ARG B 232 -0.45 12.83 -14.09
C ARG B 232 -1.61 12.42 -13.18
N GLY B 233 -1.28 11.89 -12.01
CA GLY B 233 -2.26 11.39 -11.07
C GLY B 233 -2.29 12.17 -9.77
N PHE B 234 -3.25 11.77 -8.93
CA PHE B 234 -3.47 12.45 -7.66
C PHE B 234 -2.28 12.26 -6.72
N CYS B 235 -2.04 13.26 -5.87
CA CYS B 235 -0.93 13.22 -4.94
C CYS B 235 -1.31 13.91 -3.64
N TRP B 236 -0.67 13.51 -2.55
CA TRP B 236 -0.96 14.07 -1.23
C TRP B 236 0.27 13.94 -0.35
N CYS B 237 0.21 14.57 0.82
CA CYS B 237 1.33 14.66 1.75
C CYS B 237 1.09 13.74 2.94
N VAL B 238 2.17 13.18 3.50
CA VAL B 238 2.11 12.35 4.69
C VAL B 238 3.25 12.73 5.62
N ASP B 239 3.36 12.00 6.74
CA ASP B 239 4.42 12.20 7.72
C ASP B 239 5.19 10.89 7.91
N LYS B 240 6.04 10.86 8.94
CA LYS B 240 7.06 9.81 9.04
C LYS B 240 6.45 8.43 9.15
N TYR B 241 5.39 8.27 9.90
CA TYR B 241 4.80 6.95 10.13
C TYR B 241 3.65 6.63 9.18
N GLY B 242 3.27 7.57 8.32
CA GLY B 242 2.29 7.26 7.29
C GLY B 242 0.90 7.78 7.53
N GLN B 243 0.75 8.88 8.26
CA GLN B 243 -0.55 9.47 8.48
C GLN B 243 -0.72 10.70 7.60
N PRO B 244 -1.83 10.84 6.89
CA PRO B 244 -2.03 12.01 6.04
C PRO B 244 -2.16 13.29 6.85
N LEU B 245 -1.87 14.41 6.17
CA LEU B 245 -1.97 15.74 6.73
C LEU B 245 -2.94 16.58 5.90
N PRO B 246 -3.58 17.59 6.50
CA PRO B 246 -4.44 18.47 5.71
C PRO B 246 -3.65 19.27 4.69
N GLY B 247 -4.36 19.76 3.67
CA GLY B 247 -3.74 20.57 2.65
C GLY B 247 -4.75 20.98 1.60
N TYR B 248 -4.35 21.96 0.78
CA TYR B 248 -5.19 22.46 -0.29
C TYR B 248 -4.35 22.64 -1.54
N THR B 249 -4.97 23.15 -2.60
CA THR B 249 -4.29 23.42 -3.85
C THR B 249 -4.76 24.76 -4.40
N THR B 250 -3.92 25.37 -5.24
CA THR B 250 -4.24 26.68 -5.80
C THR B 250 -4.14 26.66 -7.32
N LYS B 251 -3.29 25.79 -7.87
CA LYS B 251 -3.13 25.70 -9.34
C LYS B 251 -4.25 24.83 -9.91
N GLY B 252 -4.55 23.70 -9.26
CA GLY B 252 -5.62 22.81 -9.73
C GLY B 252 -5.55 21.44 -9.08
N LYS B 253 -6.48 20.54 -9.42
CA LYS B 253 -6.52 19.20 -8.79
C LYS B 253 -5.31 18.37 -9.21
N GLU B 254 -5.00 17.31 -8.45
CA GLU B 254 -3.83 16.43 -8.77
C GLU B 254 -2.53 17.26 -8.74
N ASP B 255 -2.45 18.25 -7.85
CA ASP B 255 -1.25 19.12 -7.75
C ASP B 255 -1.07 19.55 -6.30
N VAL B 256 0.13 19.39 -5.75
CA VAL B 256 0.42 19.81 -4.34
C VAL B 256 1.94 19.98 -4.18
N HIS B 257 2.37 20.94 -3.35
CA HIS B 257 3.83 21.09 -3.07
C HIS B 257 4.07 20.79 -1.58
N CYS B 258 4.36 19.53 -1.23
CA CYS B 258 4.63 19.13 0.14
C CYS B 258 5.98 19.70 0.56
N TYR B 259 5.94 20.94 1.04
CA TYR B 259 7.20 21.59 1.51
C TYR B 259 7.50 21.09 2.91
N SER B 260 8.44 21.75 3.58
CA SER B 260 8.84 21.35 4.92
C SER B 260 7.63 21.13 5.81
N MET B 261 6.74 22.12 5.87
CA MET B 261 5.42 21.95 6.45
C MET B 261 4.31 22.54 5.61
N GLN B 262 4.60 23.51 4.74
CA GLN B 262 3.57 24.09 3.89
C GLN B 262 3.10 23.07 2.86
N SER B 263 1.79 22.97 2.70
CA SER B 263 1.19 22.09 1.70
C SER B 263 0.60 22.86 0.53
N LYS B 264 1.22 23.99 0.16
CA LYS B 264 0.70 24.86 -0.88
C LYS B 264 0.56 24.17 -2.23
N GLY C 1 26.33 7.17 -3.49
CA GLY C 1 26.87 7.05 -4.83
C GLY C 1 25.82 6.71 -5.87
N PRO C 2 25.38 5.46 -5.89
CA PRO C 2 24.33 5.06 -6.83
C PRO C 2 23.02 5.74 -6.48
N GLU C 3 22.21 6.00 -7.51
CA GLU C 3 20.91 6.59 -7.31
C GLU C 3 19.89 5.50 -7.00
N THR C 4 18.67 5.93 -6.69
CA THR C 4 17.62 5.01 -6.28
C THR C 4 16.28 5.60 -6.67
N LEU C 5 15.33 4.75 -7.01
CA LEU C 5 14.01 5.19 -7.46
C LEU C 5 12.97 4.21 -6.97
N CYS C 6 11.92 4.72 -6.35
CA CYS C 6 10.92 3.83 -5.77
C CYS C 6 9.59 4.56 -5.75
N GLY C 7 8.50 3.83 -5.95
CA GLY C 7 7.18 4.42 -5.89
C GLY C 7 6.37 4.28 -7.16
N ALA C 8 5.78 5.37 -7.63
CA ALA C 8 5.07 5.37 -8.91
C ALA C 8 5.94 5.87 -10.06
N GLU C 9 7.01 6.59 -9.77
CA GLU C 9 7.99 6.91 -10.80
C GLU C 9 8.57 5.65 -11.41
N LEU C 10 8.72 4.59 -10.61
CA LEU C 10 9.21 3.32 -11.15
C LEU C 10 8.24 2.78 -12.20
N VAL C 11 6.94 2.83 -11.90
CA VAL C 11 5.95 2.31 -12.84
C VAL C 11 5.90 3.16 -14.11
N ASP C 12 6.01 4.48 -13.96
CA ASP C 12 6.01 5.34 -15.15
C ASP C 12 7.24 5.08 -16.01
N ALA C 13 8.42 4.96 -15.38
CA ALA C 13 9.63 4.68 -16.15
C ALA C 13 9.54 3.35 -16.87
N LEU C 14 9.00 2.33 -16.19
CA LEU C 14 8.85 1.03 -16.84
C LEU C 14 7.89 1.10 -18.01
N GLN C 15 6.78 1.84 -17.87
CA GLN C 15 5.88 2.04 -18.99
C GLN C 15 6.59 2.74 -20.15
N PHE C 16 7.48 3.67 -19.84
CA PHE C 16 8.13 4.43 -20.90
C PHE C 16 9.15 3.59 -21.66
N VAL C 17 9.89 2.74 -20.95
CA VAL C 17 10.99 2.02 -21.60
C VAL C 17 10.45 0.87 -22.46
N CYS C 18 9.73 -0.07 -21.85
CA CYS C 18 9.25 -1.23 -22.60
C CYS C 18 8.31 -0.81 -23.72
N GLY C 19 7.17 -0.23 -23.37
CA GLY C 19 6.25 0.27 -24.37
C GLY C 19 4.94 -0.47 -24.39
N ASP C 20 4.56 -0.98 -25.56
CA ASP C 20 3.34 -1.76 -25.71
C ASP C 20 3.60 -3.26 -25.68
N ARG C 21 4.73 -3.69 -25.14
CA ARG C 21 5.01 -5.11 -24.98
C ARG C 21 4.55 -5.63 -23.63
N GLY C 22 4.97 -4.98 -22.56
CA GLY C 22 4.66 -5.42 -21.21
C GLY C 22 5.90 -5.61 -20.38
N PHE C 23 5.70 -6.06 -19.14
CA PHE C 23 6.83 -6.37 -18.29
C PHE C 23 6.40 -7.32 -17.20
N TYR C 24 7.38 -8.02 -16.64
CA TYR C 24 7.22 -8.95 -15.52
C TYR C 24 7.89 -8.38 -14.28
N PHE C 25 7.67 -9.02 -13.14
CA PHE C 25 8.33 -8.56 -11.88
C PHE C 25 9.64 -9.33 -11.70
N ASN C 26 9.70 -10.54 -12.26
CA ASN C 26 10.97 -11.32 -12.21
C ASN C 26 11.50 -11.43 -13.64
N LYS C 27 12.64 -12.10 -13.82
CA LYS C 27 13.23 -12.26 -15.17
C LYS C 27 12.34 -13.20 -15.99
N PRO C 28 12.15 -12.96 -17.31
CA PRO C 28 11.37 -13.87 -18.17
C PRO C 28 12.00 -15.24 -18.43
N THR C 29 12.94 -15.70 -17.58
CA THR C 29 13.58 -17.04 -17.69
C THR C 29 13.99 -17.34 -19.13
N GLY C 30 14.79 -16.48 -19.76
CA GLY C 30 15.29 -16.77 -21.12
C GLY C 30 16.36 -17.85 -21.06
N TYR C 31 16.04 -19.07 -21.51
CA TYR C 31 16.98 -20.23 -21.41
C TYR C 31 17.40 -20.40 -19.94
N GLY C 32 16.44 -20.81 -19.10
CA GLY C 32 16.72 -21.02 -17.69
C GLY C 32 17.72 -22.13 -17.43
N SER C 33 18.92 -21.75 -16.97
CA SER C 33 19.91 -22.72 -16.54
C SER C 33 20.27 -22.47 -15.08
N SER C 34 20.54 -21.20 -14.75
CA SER C 34 20.83 -20.78 -13.39
C SER C 34 20.01 -19.59 -12.94
N SER C 35 19.02 -19.19 -13.75
CA SER C 35 18.13 -18.05 -13.39
C SER C 35 17.47 -18.34 -12.04
N ARG C 36 17.00 -19.57 -11.84
CA ARG C 36 16.41 -19.97 -10.56
C ARG C 36 17.48 -20.30 -9.54
N ARG C 37 18.59 -20.88 -9.97
CA ARG C 37 19.69 -21.21 -9.06
C ARG C 37 20.26 -19.94 -8.43
N ALA C 38 20.81 -19.05 -9.25
CA ALA C 38 21.26 -17.75 -8.76
C ALA C 38 20.06 -16.85 -8.56
N PRO C 39 19.63 -16.59 -7.32
CA PRO C 39 18.33 -15.93 -7.11
C PRO C 39 18.37 -14.43 -7.35
N GLN C 40 17.78 -13.98 -8.46
CA GLN C 40 17.53 -12.56 -8.67
C GLN C 40 16.25 -12.20 -7.93
N THR C 41 16.40 -11.37 -6.89
CA THR C 41 15.29 -11.02 -6.01
C THR C 41 14.12 -10.43 -6.78
N GLY C 42 14.37 -9.38 -7.54
CA GLY C 42 13.31 -8.71 -8.27
C GLY C 42 13.68 -7.27 -8.53
N ILE C 43 12.90 -6.63 -9.40
CA ILE C 43 13.20 -5.27 -9.79
C ILE C 43 12.87 -4.30 -8.66
N VAL C 44 11.81 -4.58 -7.90
CA VAL C 44 11.35 -3.64 -6.88
C VAL C 44 12.41 -3.46 -5.80
N ASP C 45 12.90 -4.57 -5.25
CA ASP C 45 13.88 -4.48 -4.17
C ASP C 45 15.18 -3.85 -4.66
N GLU C 46 15.67 -4.32 -5.81
CA GLU C 46 16.95 -3.83 -6.30
C GLU C 46 16.91 -2.34 -6.60
N CYS C 47 15.82 -1.86 -7.20
CA CYS C 47 15.77 -0.43 -7.52
C CYS C 47 15.28 0.42 -6.37
N CYS C 48 14.68 -0.16 -5.34
CA CYS C 48 14.24 0.65 -4.20
C CYS C 48 15.27 0.72 -3.09
N PHE C 49 16.22 -0.21 -3.03
CA PHE C 49 17.13 -0.25 -1.88
C PHE C 49 18.62 -0.38 -2.21
N ARG C 50 19.01 -0.74 -3.44
CA ARG C 50 20.43 -0.87 -3.76
C ARG C 50 20.92 0.10 -4.81
N SER C 51 20.36 0.06 -6.03
CA SER C 51 20.82 0.90 -7.14
C SER C 51 19.93 0.59 -8.34
N CYS C 52 19.93 1.51 -9.30
CA CYS C 52 18.97 1.40 -10.40
C CYS C 52 19.49 2.20 -11.59
N ASP C 53 19.23 1.71 -12.80
CA ASP C 53 19.61 2.38 -14.04
C ASP C 53 18.80 1.78 -15.19
N LEU C 54 19.17 2.12 -16.43
CA LEU C 54 18.33 1.81 -17.57
C LEU C 54 18.52 0.40 -18.11
N ARG C 55 19.73 -0.16 -18.01
CA ARG C 55 19.95 -1.50 -18.53
C ARG C 55 19.14 -2.54 -17.76
N ARG C 56 19.13 -2.41 -16.43
CA ARG C 56 18.36 -3.35 -15.59
C ARG C 56 16.88 -3.23 -15.95
N LEU C 57 16.38 -2.00 -16.18
CA LEU C 57 15.00 -1.80 -16.57
C LEU C 57 14.70 -2.50 -17.88
N GLU C 58 15.59 -2.35 -18.86
CA GLU C 58 15.35 -2.98 -20.16
C GLU C 58 15.36 -4.50 -20.04
N MET C 59 16.13 -5.05 -19.11
CA MET C 59 16.24 -6.49 -19.00
C MET C 59 14.92 -7.19 -18.68
N TYR C 60 13.89 -6.47 -18.25
CA TYR C 60 12.68 -7.11 -17.74
C TYR C 60 11.48 -7.02 -18.69
N CYS C 61 11.64 -6.46 -19.87
CA CYS C 61 10.51 -6.35 -20.78
C CYS C 61 10.13 -7.72 -21.34
N ALA C 62 8.86 -7.88 -21.69
CA ALA C 62 8.40 -9.11 -22.31
C ALA C 62 8.95 -9.20 -23.73
N PRO C 63 9.17 -10.41 -24.23
CA PRO C 63 9.73 -10.55 -25.58
C PRO C 63 8.67 -10.39 -26.65
N LEU C 64 9.06 -9.72 -27.74
CA LEU C 64 8.14 -9.51 -28.86
C LEU C 64 8.00 -10.78 -29.66
N LYS C 65 6.64 -11.05 -30.16
CA LYS C 65 6.11 -12.16 -30.93
C LYS C 65 6.40 -11.98 -32.42
#